data_5B0J
#
_entry.id   5B0J
#
_cell.length_a   137.783
_cell.length_b   217.789
_cell.length_c   104.412
_cell.angle_alpha   90.00
_cell.angle_beta   90.00
_cell.angle_gamma   90.00
#
_symmetry.space_group_name_H-M   'C 2 2 2'
#
loop_
_entity.id
_entity.type
_entity.pdbx_description
1 polymer 'MoeN5,DNA-binding protein 7d'
2 non-polymer UNDECYL-MALTOSIDE
3 water water
#
_entity_poly.entity_id   1
_entity_poly.type   'polypeptide(L)'
_entity_poly.pdbx_seq_one_letter_code
;MAHHHHHHVDDDDKMLAAEAANRDHVTRCVAQTGGSPDLVAHTAALRLYLRVPHFLTEWTTDPDRRAAVSRALALDIVSM
KLLDDLMDDDTGLDRVELACVCLRLHLRALHELESLARDPKAVTDILEQDAVHLCGGQIRTKRSRATNLREWRAHASTYG
STFLGRYGALAAACGGEGQPADSVREFAEAFAMTITMADDLTDYDRNGERDGNLAHLMRTGAVAGQDVVDLLEELRGRAL
AAVAAPPGAPGLVPVVHLYTDDVLVRLLPRHLGEAGAGAMATVKFKYKGEEKEVDISKIKKVWRVGKMISFTYDEGGGKT
GRGAVSEKDAPKELLQMLEKQKK
;
_entity_poly.pdbx_strand_id   A,B,C,D
#
loop_
_chem_comp.id
_chem_comp.type
_chem_comp.name
_chem_comp.formula
UMQ non-polymer UNDECYL-MALTOSIDE 'C23 H44 O11'
#
# COMPACT_ATOMS: atom_id res chain seq x y z
N VAL A 9 -30.17 3.57 12.10
CA VAL A 9 -28.69 3.82 11.86
C VAL A 9 -27.89 3.36 13.11
N ASP A 10 -27.29 2.18 13.01
CA ASP A 10 -26.52 1.64 14.14
C ASP A 10 -25.07 2.11 14.24
N ASP A 11 -24.35 1.54 15.19
CA ASP A 11 -22.98 1.90 15.41
C ASP A 11 -22.14 1.57 14.20
N ASP A 12 -22.59 0.59 13.44
CA ASP A 12 -21.84 0.22 12.27
C ASP A 12 -21.91 1.31 11.22
N ASP A 13 -23.09 1.93 11.15
CA ASP A 13 -23.30 2.97 10.16
C ASP A 13 -22.50 4.19 10.54
N LYS A 14 -22.41 4.45 11.84
CA LYS A 14 -21.63 5.56 12.34
C LYS A 14 -20.17 5.27 12.00
N MET A 15 -19.63 4.10 12.37
CA MET A 15 -18.25 3.72 12.05
C MET A 15 -17.91 3.88 10.54
N LEU A 16 -18.72 3.28 9.65
CA LEU A 16 -18.45 3.34 8.22
C LEU A 16 -18.40 4.73 7.66
N ALA A 17 -19.27 5.59 8.16
CA ALA A 17 -19.31 6.94 7.66
C ALA A 17 -18.14 7.73 8.27
N ALA A 18 -17.74 7.40 9.49
CA ALA A 18 -16.62 8.10 10.12
C ALA A 18 -15.36 7.79 9.27
N GLU A 19 -15.22 6.52 8.96
CA GLU A 19 -14.11 6.04 8.18
C GLU A 19 -14.09 6.64 6.78
N ALA A 20 -15.23 6.69 6.13
CA ALA A 20 -15.24 7.26 4.81
C ALA A 20 -14.90 8.77 4.92
N ALA A 21 -15.46 9.46 5.90
CA ALA A 21 -15.16 10.89 6.06
C ALA A 21 -13.61 11.11 6.35
N ASN A 22 -13.04 10.32 7.27
CA ASN A 22 -11.63 10.49 7.59
C ASN A 22 -10.80 10.19 6.32
N ARG A 23 -11.14 9.13 5.59
CA ARG A 23 -10.38 8.80 4.38
C ARG A 23 -10.40 9.94 3.34
N ASP A 24 -11.57 10.54 3.17
CA ASP A 24 -11.66 11.58 2.17
C ASP A 24 -10.92 12.85 2.58
N HIS A 25 -10.89 13.11 3.89
CA HIS A 25 -10.21 14.25 4.46
C HIS A 25 -8.72 14.04 4.23
N VAL A 26 -8.29 12.80 4.34
CA VAL A 26 -6.91 12.49 4.14
C VAL A 26 -6.53 12.60 2.66
N THR A 27 -7.31 12.01 1.77
CA THR A 27 -6.98 12.07 0.38
C THR A 27 -7.04 13.50 -0.19
N ARG A 28 -8.04 14.31 0.19
CA ARG A 28 -8.08 15.67 -0.32
C ARG A 28 -6.74 16.34 0.03
N CYS A 29 -6.35 16.21 1.28
CA CYS A 29 -5.11 16.79 1.76
C CYS A 29 -3.86 16.24 1.01
N VAL A 30 -3.77 14.93 0.82
CA VAL A 30 -2.63 14.37 0.13
C VAL A 30 -2.61 14.88 -1.32
N ALA A 31 -3.78 14.91 -1.94
CA ALA A 31 -3.88 15.39 -3.32
C ALA A 31 -3.58 16.88 -3.46
N GLN A 32 -4.16 17.74 -2.61
CA GLN A 32 -3.93 19.19 -2.73
C GLN A 32 -2.46 19.58 -2.50
N THR A 33 -1.67 18.71 -1.91
CA THR A 33 -0.34 19.12 -1.67
C THR A 33 0.65 18.49 -2.63
N GLY A 34 0.18 17.73 -3.59
CA GLY A 34 1.15 17.23 -4.54
C GLY A 34 1.31 15.75 -4.62
N GLY A 35 0.71 15.03 -3.65
CA GLY A 35 0.81 13.58 -3.70
C GLY A 35 0.38 12.97 -5.02
N SER A 36 1.18 12.04 -5.52
CA SER A 36 0.88 11.36 -6.79
C SER A 36 -0.29 10.38 -6.65
N PRO A 37 -0.86 9.90 -7.77
CA PRO A 37 -1.99 8.97 -7.56
C PRO A 37 -1.73 7.67 -6.74
N ASP A 38 -0.50 7.16 -6.83
CA ASP A 38 -0.10 5.96 -6.11
C ASP A 38 -0.04 6.27 -4.62
N LEU A 39 0.43 7.46 -4.28
CA LEU A 39 0.51 7.84 -2.89
C LEU A 39 -0.89 8.06 -2.31
N VAL A 40 -1.76 8.69 -3.08
CA VAL A 40 -3.12 8.96 -2.63
C VAL A 40 -3.81 7.64 -2.39
N ALA A 41 -3.58 6.66 -3.25
CA ALA A 41 -4.24 5.36 -3.09
C ALA A 41 -3.73 4.64 -1.83
N HIS A 42 -2.41 4.64 -1.69
CA HIS A 42 -1.71 4.01 -0.55
C HIS A 42 -2.38 4.52 0.75
N THR A 43 -2.49 5.82 0.77
CA THR A 43 -3.08 6.53 1.84
C THR A 43 -4.49 6.07 2.08
N ALA A 44 -5.30 5.86 1.04
CA ALA A 44 -6.67 5.38 1.26
C ALA A 44 -6.75 3.89 1.65
N ALA A 45 -5.73 3.10 1.33
CA ALA A 45 -5.77 1.68 1.69
C ALA A 45 -5.46 1.46 3.19
N LEU A 46 -5.19 2.54 3.92
CA LEU A 46 -4.88 2.41 5.34
C LEU A 46 -6.17 2.28 6.13
N ARG A 47 -6.92 1.24 5.83
CA ARG A 47 -8.18 0.99 6.50
C ARG A 47 -8.27 1.16 8.01
N LEU A 48 -7.68 0.25 8.77
CA LEU A 48 -7.78 0.38 10.22
C LEU A 48 -7.28 1.74 10.80
N TYR A 49 -6.18 2.29 10.30
CA TYR A 49 -5.69 3.60 10.83
C TYR A 49 -6.69 4.71 10.56
N LEU A 50 -7.49 4.56 9.51
CA LEU A 50 -8.50 5.55 9.22
C LEU A 50 -9.72 5.35 10.10
N ARG A 51 -9.92 4.10 10.54
CA ARG A 51 -11.04 3.69 11.41
C ARG A 51 -10.79 3.97 12.88
N VAL A 52 -9.62 3.55 13.34
CA VAL A 52 -9.28 3.71 14.70
C VAL A 52 -9.62 5.09 15.34
N PRO A 53 -9.50 6.23 14.59
CA PRO A 53 -9.85 7.47 15.31
C PRO A 53 -11.32 7.50 15.73
N HIS A 54 -12.15 6.69 15.08
CA HIS A 54 -13.59 6.63 15.45
C HIS A 54 -13.73 6.01 16.88
N PHE A 55 -12.93 4.99 17.15
CA PHE A 55 -12.97 4.39 18.44
C PHE A 55 -12.48 5.35 19.45
N LEU A 56 -11.33 5.99 19.20
CA LEU A 56 -10.80 6.93 20.18
C LEU A 56 -11.76 8.05 20.54
N THR A 57 -12.69 8.37 19.65
CA THR A 57 -13.58 9.50 19.92
C THR A 57 -14.96 9.14 20.43
N GLU A 58 -15.20 7.87 20.74
CA GLU A 58 -16.51 7.42 21.23
C GLU A 58 -17.06 8.16 22.49
N TRP A 59 -16.18 8.69 23.33
CA TRP A 59 -16.63 9.40 24.52
C TRP A 59 -17.11 10.83 24.23
N THR A 60 -16.88 11.31 23.01
CA THR A 60 -17.27 12.66 22.61
C THR A 60 -18.75 12.74 22.22
N THR A 61 -19.57 13.45 23.00
CA THR A 61 -20.98 13.48 22.67
C THR A 61 -21.40 14.34 21.51
N ASP A 62 -20.91 15.56 21.40
CA ASP A 62 -21.29 16.40 20.25
C ASP A 62 -20.83 15.78 18.91
N PRO A 63 -21.78 15.40 18.04
CA PRO A 63 -21.30 14.82 16.79
C PRO A 63 -20.46 15.73 15.88
N ASP A 64 -20.65 17.03 15.95
CA ASP A 64 -19.82 17.87 15.09
C ASP A 64 -18.36 17.88 15.60
N ARG A 65 -18.18 18.02 16.90
CA ARG A 65 -16.84 17.98 17.45
C ARG A 65 -16.20 16.59 17.22
N ARG A 66 -16.96 15.52 17.44
CA ARG A 66 -16.41 14.20 17.22
C ARG A 66 -15.92 13.98 15.79
N ALA A 67 -16.67 14.41 14.77
CA ALA A 67 -16.18 14.18 13.41
C ALA A 67 -14.89 15.00 13.16
N ALA A 68 -14.84 16.19 13.72
CA ALA A 68 -13.69 17.06 13.53
C ALA A 68 -12.44 16.52 14.24
N VAL A 69 -12.60 16.04 15.48
CA VAL A 69 -11.48 15.47 16.19
C VAL A 69 -11.10 14.16 15.47
N SER A 70 -12.10 13.42 14.99
CA SER A 70 -11.80 12.14 14.34
C SER A 70 -10.88 12.35 13.11
N ARG A 71 -11.25 13.22 12.18
CA ARG A 71 -10.38 13.39 11.04
C ARG A 71 -9.03 14.07 11.36
N ALA A 72 -8.99 14.95 12.35
CA ALA A 72 -7.72 15.59 12.70
C ALA A 72 -6.78 14.47 13.14
N LEU A 73 -7.27 13.53 13.96
CA LEU A 73 -6.45 12.38 14.38
C LEU A 73 -6.02 11.53 13.13
N ALA A 74 -6.94 11.30 12.20
CA ALA A 74 -6.63 10.50 11.01
C ALA A 74 -5.46 11.09 10.23
N LEU A 75 -5.44 12.41 10.15
CA LEU A 75 -4.35 13.06 9.45
C LEU A 75 -3.04 12.72 10.14
N ASP A 76 -2.98 12.80 11.47
CA ASP A 76 -1.71 12.54 12.04
C ASP A 76 -1.32 11.05 12.06
N ILE A 77 -2.27 10.15 12.33
CA ILE A 77 -1.93 8.75 12.31
C ILE A 77 -1.41 8.41 10.88
N VAL A 78 -2.12 8.82 9.84
CA VAL A 78 -1.64 8.53 8.49
C VAL A 78 -0.26 9.12 8.32
N SER A 79 -0.10 10.34 8.78
CA SER A 79 1.18 10.96 8.65
C SER A 79 2.34 10.16 9.23
N MET A 80 2.14 9.59 10.41
CA MET A 80 3.17 8.81 11.12
C MET A 80 3.42 7.50 10.40
N LYS A 81 2.35 7.01 9.78
CA LYS A 81 2.41 5.80 9.07
C LYS A 81 3.20 6.06 7.80
N LEU A 82 3.16 7.30 7.28
CA LEU A 82 3.93 7.57 6.07
C LEU A 82 5.42 7.65 6.45
N LEU A 83 5.72 8.20 7.62
CA LEU A 83 7.10 8.33 8.04
C LEU A 83 7.66 6.93 8.26
N ASP A 84 6.80 6.05 8.70
CA ASP A 84 7.19 4.69 8.97
C ASP A 84 7.61 4.10 7.62
N ASP A 85 6.80 4.35 6.58
CA ASP A 85 7.12 3.79 5.26
C ASP A 85 8.40 4.38 4.71
N LEU A 86 8.64 5.62 5.06
CA LEU A 86 9.80 6.33 4.60
C LEU A 86 11.05 5.80 5.30
N MET A 87 10.90 5.21 6.47
CA MET A 87 12.10 4.71 7.08
C MET A 87 12.39 3.29 6.59
N ASP A 88 11.36 2.49 6.39
CA ASP A 88 11.57 1.15 5.92
C ASP A 88 11.97 1.18 4.44
N ASP A 89 11.46 2.18 3.72
CA ASP A 89 11.71 2.38 2.30
C ASP A 89 11.41 1.21 1.33
N ASP A 90 10.45 0.35 1.70
CA ASP A 90 10.06 -0.83 0.92
C ASP A 90 8.72 -0.78 0.16
N THR A 91 8.09 0.39 0.07
CA THR A 91 6.80 0.51 -0.62
C THR A 91 6.94 0.86 -2.11
N GLY A 92 8.16 1.17 -2.54
CA GLY A 92 8.34 1.58 -3.92
C GLY A 92 7.42 2.77 -4.20
N LEU A 93 7.59 3.87 -3.46
CA LEU A 93 6.81 5.09 -3.66
C LEU A 93 7.87 6.19 -3.63
N ASP A 94 7.61 7.36 -4.15
CA ASP A 94 8.63 8.39 -4.15
C ASP A 94 9.00 8.96 -2.76
N ARG A 95 10.21 8.70 -2.32
CA ARG A 95 10.63 9.21 -1.03
C ARG A 95 10.39 10.71 -0.86
N VAL A 96 10.44 11.50 -1.93
CA VAL A 96 10.23 12.96 -1.78
C VAL A 96 8.76 13.24 -1.47
N GLU A 97 7.86 12.55 -2.15
CA GLU A 97 6.44 12.70 -1.92
C GLU A 97 6.03 12.19 -0.54
N LEU A 98 6.59 11.04 -0.14
CA LEU A 98 6.27 10.51 1.17
C LEU A 98 6.72 11.50 2.23
N ALA A 99 7.94 12.02 2.08
CA ALA A 99 8.41 12.91 3.09
C ALA A 99 7.69 14.23 3.08
N CYS A 100 7.28 14.70 1.91
CA CYS A 100 6.59 15.99 1.89
C CYS A 100 5.13 15.88 2.32
N VAL A 101 4.43 14.85 1.85
CA VAL A 101 3.05 14.66 2.24
C VAL A 101 3.05 14.37 3.72
N CYS A 102 4.00 13.58 4.18
CA CYS A 102 4.07 13.27 5.61
C CYS A 102 4.08 14.55 6.44
N LEU A 103 4.96 15.49 6.12
CA LEU A 103 5.00 16.71 6.89
C LEU A 103 3.71 17.52 6.76
N ARG A 104 3.17 17.60 5.55
CA ARG A 104 1.99 18.38 5.36
C ARG A 104 0.83 17.89 6.25
N LEU A 105 0.52 16.59 6.25
CA LEU A 105 -0.57 16.05 7.08
C LEU A 105 -0.37 16.35 8.55
N HIS A 106 0.84 16.14 8.99
CA HIS A 106 1.16 16.35 10.38
C HIS A 106 0.90 17.79 10.77
N LEU A 107 1.37 18.73 9.94
CA LEU A 107 1.22 20.14 10.28
C LEU A 107 -0.25 20.57 10.28
N ARG A 108 -1.02 19.98 9.38
CA ARG A 108 -2.45 20.29 9.27
C ARG A 108 -3.15 19.69 10.50
N ALA A 109 -2.70 18.51 10.92
CA ALA A 109 -3.31 17.84 12.07
C ALA A 109 -3.10 18.66 13.31
N LEU A 110 -1.90 19.19 13.48
CA LEU A 110 -1.58 20.01 14.64
C LEU A 110 -2.48 21.20 14.64
N HIS A 111 -2.63 21.77 13.46
CA HIS A 111 -3.42 22.93 13.38
C HIS A 111 -4.88 22.59 13.68
N GLU A 112 -5.35 21.43 13.19
CA GLU A 112 -6.74 21.14 13.45
C GLU A 112 -6.96 20.72 14.91
N LEU A 113 -6.04 19.95 15.48
CA LEU A 113 -6.22 19.54 16.84
C LEU A 113 -6.14 20.73 17.78
N GLU A 114 -5.21 21.63 17.52
CA GLU A 114 -5.07 22.79 18.39
C GLU A 114 -6.26 23.72 18.33
N SER A 115 -6.97 23.74 17.22
CA SER A 115 -8.10 24.65 17.18
C SER A 115 -9.33 24.02 17.82
N LEU A 116 -9.23 22.76 18.20
CA LEU A 116 -10.29 22.00 18.82
C LEU A 116 -10.03 21.85 20.32
N ALA A 117 -8.77 21.91 20.74
CA ALA A 117 -8.42 21.74 22.16
C ALA A 117 -8.95 22.78 23.17
N ARG A 118 -9.21 22.36 24.40
CA ARG A 118 -9.65 23.31 25.43
C ARG A 118 -8.48 24.25 25.57
N ASP A 119 -7.34 23.66 25.89
CA ASP A 119 -6.06 24.35 26.01
C ASP A 119 -5.13 23.94 24.83
N PRO A 120 -4.88 24.82 23.84
CA PRO A 120 -4.01 24.42 22.71
C PRO A 120 -2.65 23.78 23.09
N LYS A 121 -2.06 24.31 24.16
CA LYS A 121 -0.83 23.80 24.70
C LYS A 121 -0.90 22.27 25.03
N ALA A 122 -2.04 21.77 25.45
CA ALA A 122 -2.13 20.34 25.77
C ALA A 122 -1.79 19.43 24.57
N VAL A 123 -1.92 19.96 23.36
CA VAL A 123 -1.59 19.14 22.24
C VAL A 123 -0.10 18.85 22.21
N THR A 124 0.74 19.91 22.37
CA THR A 124 2.18 19.73 22.37
C THR A 124 2.67 19.14 23.69
N ASP A 125 1.93 19.32 24.79
CA ASP A 125 2.35 18.71 26.06
C ASP A 125 2.35 17.18 25.90
N ILE A 126 1.28 16.71 25.29
CA ILE A 126 1.02 15.31 25.04
C ILE A 126 2.00 14.72 24.05
N LEU A 127 2.25 15.44 22.96
CA LEU A 127 3.17 14.92 21.98
C LEU A 127 4.61 14.96 22.49
N GLU A 128 4.97 15.92 23.35
CA GLU A 128 6.34 15.97 23.87
C GLU A 128 6.58 14.97 25.01
N GLN A 129 5.62 14.89 25.92
CA GLN A 129 5.67 14.07 27.12
C GLN A 129 6.41 12.70 27.07
N ASP A 130 6.05 11.89 26.10
CA ASP A 130 6.69 10.60 25.96
C ASP A 130 7.25 10.39 24.54
N ALA A 131 7.65 11.49 23.92
CA ALA A 131 8.24 11.43 22.58
C ALA A 131 9.53 10.57 22.63
N VAL A 132 10.28 10.73 23.71
CA VAL A 132 11.50 9.95 23.83
C VAL A 132 11.27 8.44 23.96
N HIS A 133 10.22 8.08 24.71
CA HIS A 133 9.88 6.68 24.94
C HIS A 133 9.46 6.05 23.63
N LEU A 134 8.62 6.76 22.88
CA LEU A 134 8.13 6.29 21.58
C LEU A 134 9.24 6.21 20.56
N CYS A 135 9.96 7.34 20.40
CA CYS A 135 11.03 7.39 19.41
C CYS A 135 12.24 6.53 19.71
N GLY A 136 12.72 6.50 20.96
CA GLY A 136 13.86 5.65 21.30
C GLY A 136 13.39 4.19 21.22
N GLY A 137 12.09 4.00 21.49
CA GLY A 137 11.50 2.69 21.48
C GLY A 137 11.50 2.13 20.08
N GLN A 138 11.04 2.91 19.13
CA GLN A 138 10.99 2.45 17.74
C GLN A 138 12.42 2.16 17.27
N ILE A 139 13.41 2.87 17.77
CA ILE A 139 14.75 2.55 17.29
C ILE A 139 15.23 1.21 17.83
N ARG A 140 15.09 1.02 19.13
CA ARG A 140 15.52 -0.24 19.76
C ARG A 140 14.78 -1.42 19.19
N THR A 141 13.51 -1.24 18.82
CA THR A 141 12.72 -2.31 18.24
C THR A 141 13.38 -2.86 17.01
N LYS A 142 13.79 -1.96 16.13
CA LYS A 142 14.43 -2.36 14.91
C LYS A 142 15.89 -2.71 15.19
N ARG A 143 16.51 -2.10 16.20
CA ARG A 143 17.90 -2.39 16.49
C ARG A 143 18.06 -3.83 16.96
N SER A 144 17.58 -4.05 18.18
CA SER A 144 17.60 -5.34 18.88
C SER A 144 16.29 -6.15 18.78
N ARG A 145 16.13 -6.96 17.73
CA ARG A 145 14.92 -7.81 17.55
C ARG A 145 14.51 -8.78 18.68
N ALA A 146 13.21 -8.93 18.89
CA ALA A 146 12.65 -9.79 19.94
C ALA A 146 12.88 -11.28 19.76
N THR A 147 12.94 -12.02 20.88
CA THR A 147 13.16 -13.45 20.82
C THR A 147 12.24 -14.28 21.71
N ASN A 148 11.41 -13.63 22.51
CA ASN A 148 10.44 -14.34 23.36
C ASN A 148 9.28 -13.37 23.64
N LEU A 149 8.13 -13.91 24.02
CA LEU A 149 6.97 -13.09 24.24
C LEU A 149 7.28 -11.84 25.03
N ARG A 150 8.14 -11.97 26.04
CA ARG A 150 8.47 -10.81 26.90
C ARG A 150 9.09 -9.66 26.12
N GLU A 151 10.10 -9.94 25.30
CA GLU A 151 10.72 -8.88 24.56
C GLU A 151 9.77 -8.31 23.52
N TRP A 152 9.00 -9.18 22.88
CA TRP A 152 8.06 -8.70 21.86
C TRP A 152 7.06 -7.71 22.47
N ARG A 153 6.55 -8.02 23.66
CA ARG A 153 5.54 -7.14 24.26
C ARG A 153 6.14 -5.81 24.74
N ALA A 154 7.41 -5.85 25.06
CA ALA A 154 8.07 -4.63 25.51
C ALA A 154 8.21 -3.72 24.29
N HIS A 155 8.70 -4.26 23.16
CA HIS A 155 8.84 -3.43 21.98
C HIS A 155 7.49 -2.87 21.51
N ALA A 156 6.51 -3.76 21.44
CA ALA A 156 5.17 -3.39 20.98
C ALA A 156 4.55 -2.34 21.90
N SER A 157 4.95 -2.33 23.18
CA SER A 157 4.34 -1.37 24.04
C SER A 157 4.76 0.06 23.64
N THR A 158 5.75 0.16 22.76
CA THR A 158 6.14 1.49 22.35
C THR A 158 5.50 1.86 21.00
N TYR A 159 5.86 1.16 19.93
CA TYR A 159 5.34 1.53 18.64
C TYR A 159 3.84 1.26 18.50
N GLY A 160 3.29 0.42 19.38
CA GLY A 160 1.88 0.15 19.34
C GLY A 160 1.14 0.92 20.44
N SER A 161 1.31 0.47 21.68
CA SER A 161 0.63 1.06 22.82
C SER A 161 0.91 2.52 23.09
N THR A 162 2.18 2.91 23.13
CA THR A 162 2.50 4.30 23.41
C THR A 162 2.06 5.14 22.24
N PHE A 163 2.25 4.60 21.05
CA PHE A 163 1.87 5.28 19.84
C PHE A 163 0.37 5.66 19.77
N LEU A 164 -0.53 4.71 20.05
CA LEU A 164 -1.99 5.00 20.02
C LEU A 164 -2.48 5.76 21.30
N GLY A 165 -1.83 5.48 22.43
CA GLY A 165 -2.19 6.13 23.66
C GLY A 165 -2.07 7.64 23.56
N ARG A 166 -1.09 8.11 22.80
CA ARG A 166 -0.95 9.55 22.65
C ARG A 166 -2.23 10.10 21.97
N TYR A 167 -2.73 9.37 20.97
CA TYR A 167 -3.95 9.77 20.29
C TYR A 167 -5.18 9.65 21.25
N GLY A 168 -5.17 8.68 22.17
CA GLY A 168 -6.26 8.58 23.12
C GLY A 168 -6.24 9.88 23.90
N ALA A 169 -5.05 10.24 24.40
CA ALA A 169 -4.92 11.47 25.20
C ALA A 169 -5.32 12.73 24.38
N LEU A 170 -4.92 12.79 23.11
CA LEU A 170 -5.28 13.96 22.26
C LEU A 170 -6.77 14.04 22.08
N ALA A 171 -7.40 12.89 21.88
CA ALA A 171 -8.85 12.84 21.71
C ALA A 171 -9.58 13.25 22.96
N ALA A 172 -9.02 13.01 24.15
CA ALA A 172 -9.69 13.42 25.36
C ALA A 172 -9.50 14.89 25.50
N ALA A 173 -8.35 15.39 25.07
CA ALA A 173 -8.09 16.81 25.22
C ALA A 173 -8.85 17.66 24.22
N CYS A 174 -9.25 17.07 23.09
CA CYS A 174 -9.96 17.78 22.03
C CYS A 174 -11.42 17.40 22.03
N GLY A 175 -11.74 16.34 22.77
CA GLY A 175 -13.10 15.86 22.84
C GLY A 175 -13.92 16.73 23.74
N GLY A 176 -13.27 17.54 24.54
CA GLY A 176 -14.01 18.42 25.42
C GLY A 176 -14.68 17.82 26.64
N GLU A 177 -15.88 18.33 26.89
CA GLU A 177 -16.68 17.99 28.06
C GLU A 177 -16.82 16.59 28.64
N GLY A 178 -16.27 16.47 29.85
CA GLY A 178 -16.27 15.24 30.62
C GLY A 178 -15.72 14.00 29.92
N GLN A 179 -14.40 13.84 29.92
CA GLN A 179 -13.83 12.67 29.29
C GLN A 179 -12.86 12.11 30.30
N PRO A 180 -12.97 10.81 30.62
CA PRO A 180 -12.05 10.20 31.59
C PRO A 180 -10.72 9.98 30.88
N ALA A 181 -9.96 11.08 30.70
CA ALA A 181 -8.67 11.09 29.97
C ALA A 181 -7.76 9.91 30.21
N ASP A 182 -7.61 9.44 31.46
CA ASP A 182 -6.79 8.28 31.72
C ASP A 182 -7.41 7.01 31.14
N SER A 183 -8.73 6.86 31.20
CA SER A 183 -9.33 5.66 30.62
C SER A 183 -9.30 5.64 29.09
N VAL A 184 -9.49 6.79 28.45
CA VAL A 184 -9.48 6.79 27.00
C VAL A 184 -8.10 6.24 26.61
N ARG A 185 -7.09 6.74 27.31
CA ARG A 185 -5.74 6.32 27.05
C ARG A 185 -5.50 4.83 27.33
N GLU A 186 -6.02 4.34 28.46
CA GLU A 186 -5.89 2.94 28.84
C GLU A 186 -6.49 2.10 27.72
N PHE A 187 -7.65 2.53 27.22
CA PHE A 187 -8.27 1.80 26.16
C PHE A 187 -7.39 1.71 24.90
N ALA A 188 -6.84 2.85 24.48
CA ALA A 188 -6.02 2.93 23.30
C ALA A 188 -4.77 2.06 23.42
N GLU A 189 -4.13 2.12 24.58
CA GLU A 189 -2.93 1.30 24.77
C GLU A 189 -3.19 -0.19 24.68
N ALA A 190 -4.28 -0.65 25.31
CA ALA A 190 -4.63 -2.08 25.26
C ALA A 190 -5.11 -2.47 23.87
N PHE A 191 -6.02 -1.67 23.34
CA PHE A 191 -6.57 -1.99 22.03
C PHE A 191 -5.40 -2.01 21.06
N ALA A 192 -4.48 -1.03 21.19
CA ALA A 192 -3.31 -0.97 20.29
C ALA A 192 -2.45 -2.26 20.28
N MET A 193 -2.18 -2.85 21.44
CA MET A 193 -1.36 -4.07 21.49
C MET A 193 -2.11 -5.22 20.77
N THR A 194 -3.42 -5.34 21.00
CA THR A 194 -4.26 -6.34 20.32
C THR A 194 -4.14 -6.22 18.78
N ILE A 195 -4.25 -5.00 18.26
CA ILE A 195 -4.16 -4.88 16.79
C ILE A 195 -2.72 -4.93 16.29
N THR A 196 -1.74 -4.62 17.13
CA THR A 196 -0.39 -4.75 16.69
C THR A 196 -0.15 -6.24 16.54
N MET A 197 -0.63 -7.07 17.46
CA MET A 197 -0.40 -8.52 17.30
C MET A 197 -1.07 -9.04 16.04
N ALA A 198 -2.28 -8.54 15.77
CA ALA A 198 -3.05 -8.95 14.60
C ALA A 198 -2.20 -8.64 13.39
N ASP A 199 -1.75 -7.40 13.31
CA ASP A 199 -0.90 -6.99 12.21
C ASP A 199 0.33 -7.91 12.07
N ASP A 200 1.05 -8.11 13.14
CA ASP A 200 2.23 -8.97 13.13
C ASP A 200 1.88 -10.35 12.58
N LEU A 201 0.73 -10.91 12.94
CA LEU A 201 0.39 -12.25 12.46
C LEU A 201 -0.19 -12.27 11.00
N THR A 202 -0.44 -11.08 10.48
CA THR A 202 -0.96 -10.95 9.13
C THR A 202 0.25 -10.62 8.21
N ASP A 203 1.02 -9.62 8.66
CA ASP A 203 2.24 -9.12 7.99
C ASP A 203 3.41 -10.11 7.77
N TYR A 204 3.35 -11.26 8.42
CA TYR A 204 4.38 -12.30 8.27
C TYR A 204 4.38 -12.82 6.84
N ASP A 205 3.17 -13.15 6.33
CA ASP A 205 2.99 -13.68 4.98
C ASP A 205 2.87 -12.60 3.92
N ARG A 206 2.25 -11.49 4.30
CA ARG A 206 2.07 -10.38 3.35
C ARG A 206 3.30 -9.47 3.15
N ASN A 207 4.20 -9.44 4.14
CA ASN A 207 5.39 -8.59 4.10
C ASN A 207 6.76 -9.34 4.11
N GLY A 208 6.76 -10.64 4.35
CA GLY A 208 8.00 -11.39 4.40
C GLY A 208 8.84 -10.99 5.61
N GLU A 209 8.19 -10.98 6.80
CA GLU A 209 8.79 -10.59 8.09
C GLU A 209 9.15 -11.72 9.09
N ARG A 210 10.42 -11.78 9.50
CA ARG A 210 10.91 -12.81 10.43
C ARG A 210 11.41 -12.29 11.79
N ASP A 211 12.58 -11.66 11.80
CA ASP A 211 13.16 -11.17 13.06
C ASP A 211 12.34 -10.18 13.86
N GLY A 212 12.06 -10.60 15.11
CA GLY A 212 11.27 -9.81 16.05
C GLY A 212 9.78 -9.90 15.78
N ASN A 213 9.42 -10.64 14.71
CA ASN A 213 8.06 -10.85 14.26
C ASN A 213 7.42 -11.98 15.06
N LEU A 214 6.43 -11.59 15.85
CA LEU A 214 5.71 -12.51 16.70
C LEU A 214 5.27 -13.82 16.05
N ALA A 215 4.83 -13.77 14.79
CA ALA A 215 4.41 -14.98 14.08
C ALA A 215 5.63 -15.90 13.84
N HIS A 216 6.77 -15.30 13.55
CA HIS A 216 7.95 -16.09 13.32
C HIS A 216 8.32 -16.84 14.62
N LEU A 217 8.31 -16.11 15.73
CA LEU A 217 8.61 -16.66 17.04
C LEU A 217 7.62 -17.77 17.37
N MET A 218 6.40 -17.67 16.89
CA MET A 218 5.46 -18.73 17.20
C MET A 218 5.79 -20.02 16.44
N ARG A 219 6.22 -19.86 15.19
CA ARG A 219 6.53 -20.99 14.34
C ARG A 219 7.82 -21.67 14.70
N THR A 220 8.75 -20.96 15.33
CA THR A 220 10.02 -21.58 15.73
C THR A 220 10.02 -22.14 17.14
N GLY A 221 8.90 -21.99 17.86
CA GLY A 221 8.82 -22.46 19.25
C GLY A 221 9.31 -21.47 20.30
N ALA A 222 9.77 -20.29 19.91
CA ALA A 222 10.24 -19.34 20.92
C ALA A 222 9.12 -18.78 21.76
N VAL A 223 7.88 -18.84 21.25
CA VAL A 223 6.68 -18.34 21.95
C VAL A 223 5.57 -19.39 21.85
N ALA A 224 4.89 -19.63 22.97
CA ALA A 224 3.85 -20.63 23.04
C ALA A 224 2.46 -20.11 22.80
N GLY A 225 1.67 -20.88 22.07
CA GLY A 225 0.35 -20.42 21.75
C GLY A 225 -0.46 -19.96 22.92
N GLN A 226 -0.38 -20.71 24.03
CA GLN A 226 -1.21 -20.40 25.19
C GLN A 226 -0.80 -19.05 25.79
N ASP A 227 0.50 -18.77 25.74
CA ASP A 227 0.96 -17.49 26.23
C ASP A 227 0.36 -16.35 25.39
N VAL A 228 0.31 -16.54 24.05
CA VAL A 228 -0.24 -15.56 23.16
C VAL A 228 -1.72 -15.42 23.47
N VAL A 229 -2.36 -16.57 23.70
CA VAL A 229 -3.79 -16.55 24.02
C VAL A 229 -3.96 -15.79 25.32
N ASP A 230 -3.00 -15.96 26.22
CA ASP A 230 -3.08 -15.30 27.51
C ASP A 230 -3.02 -13.77 27.38
N LEU A 231 -2.04 -13.29 26.60
CA LEU A 231 -1.86 -11.86 26.39
C LEU A 231 -3.15 -11.27 25.81
N LEU A 232 -3.68 -11.91 24.76
CA LEU A 232 -4.88 -11.38 24.17
C LEU A 232 -5.97 -11.28 25.20
N GLU A 233 -6.15 -12.31 26.01
CA GLU A 233 -7.17 -12.25 27.07
C GLU A 233 -6.95 -11.11 28.11
N GLU A 234 -5.69 -10.84 28.39
CA GLU A 234 -5.31 -9.79 29.32
C GLU A 234 -5.63 -8.42 28.74
N LEU A 235 -5.38 -8.25 27.42
CA LEU A 235 -5.67 -6.98 26.74
C LEU A 235 -7.16 -6.76 26.62
N ARG A 236 -7.93 -7.79 26.28
CA ARG A 236 -9.39 -7.64 26.18
C ARG A 236 -9.95 -7.07 27.46
N GLY A 237 -9.54 -7.70 28.58
CA GLY A 237 -9.97 -7.29 29.90
C GLY A 237 -9.58 -5.85 30.21
N ARG A 238 -8.32 -5.51 29.92
CA ARG A 238 -7.89 -4.14 30.18
C ARG A 238 -8.72 -3.15 29.36
N ALA A 239 -9.07 -3.52 28.12
CA ALA A 239 -9.86 -2.63 27.28
C ALA A 239 -11.29 -2.56 27.79
N LEU A 240 -11.88 -3.73 28.04
CA LEU A 240 -13.25 -3.73 28.55
C LEU A 240 -13.28 -2.88 29.83
N ALA A 241 -12.25 -2.99 30.68
CA ALA A 241 -12.28 -2.22 31.92
C ALA A 241 -12.21 -0.75 31.62
N ALA A 242 -11.30 -0.39 30.76
CA ALA A 242 -11.17 1.02 30.49
C ALA A 242 -12.41 1.63 29.92
N VAL A 243 -13.20 0.87 29.16
CA VAL A 243 -14.38 1.50 28.58
C VAL A 243 -15.56 1.52 29.53
N ALA A 244 -15.33 1.06 30.75
CA ALA A 244 -16.41 1.09 31.73
C ALA A 244 -16.17 2.07 32.89
N ALA A 245 -15.07 2.83 32.88
CA ALA A 245 -14.85 3.85 33.90
C ALA A 245 -15.86 4.94 33.53
N PRO A 246 -16.44 5.65 34.52
CA PRO A 246 -17.44 6.69 34.20
C PRO A 246 -16.87 7.89 33.49
N PRO A 247 -17.62 8.45 32.54
CA PRO A 247 -18.95 7.99 32.14
C PRO A 247 -18.97 6.56 31.60
N GLY A 248 -18.36 6.37 30.45
CA GLY A 248 -18.37 5.06 29.87
C GLY A 248 -18.60 5.16 28.37
N ALA A 249 -18.07 4.16 27.68
CA ALA A 249 -18.18 4.08 26.23
C ALA A 249 -18.61 2.66 25.91
N PRO A 250 -19.83 2.35 26.26
CA PRO A 250 -20.31 0.99 25.98
C PRO A 250 -20.18 0.60 24.53
N GLY A 251 -20.22 1.58 23.62
CA GLY A 251 -20.12 1.23 22.22
C GLY A 251 -18.88 0.42 21.83
N LEU A 252 -17.79 0.61 22.57
CA LEU A 252 -16.55 -0.08 22.29
C LEU A 252 -16.51 -1.55 22.79
N VAL A 253 -17.50 -1.96 23.59
CA VAL A 253 -17.48 -3.34 24.07
C VAL A 253 -17.51 -4.29 22.88
N PRO A 254 -18.51 -4.21 21.99
CA PRO A 254 -18.47 -5.14 20.85
C PRO A 254 -17.16 -4.99 20.01
N VAL A 255 -16.61 -3.76 19.94
CA VAL A 255 -15.38 -3.52 19.17
C VAL A 255 -14.19 -4.27 19.79
N VAL A 256 -14.02 -4.14 21.09
CA VAL A 256 -12.93 -4.83 21.74
C VAL A 256 -13.05 -6.36 21.43
N HIS A 257 -14.27 -6.93 21.56
CA HIS A 257 -14.50 -8.36 21.31
C HIS A 257 -14.27 -8.71 19.83
N LEU A 258 -14.66 -7.81 18.91
CA LEU A 258 -14.51 -8.09 17.49
C LEU A 258 -13.04 -8.29 17.14
N TYR A 259 -12.18 -7.36 17.54
CA TYR A 259 -10.77 -7.58 17.19
C TYR A 259 -10.05 -8.63 17.98
N THR A 260 -10.42 -8.83 19.23
CA THR A 260 -9.75 -9.86 20.01
C THR A 260 -10.13 -11.27 19.46
N ASP A 261 -11.44 -11.48 19.21
CA ASP A 261 -11.86 -12.79 18.72
C ASP A 261 -11.24 -13.09 17.34
N ASP A 262 -11.14 -12.07 16.48
CA ASP A 262 -10.53 -12.28 15.18
C ASP A 262 -9.13 -12.77 15.34
N VAL A 263 -8.36 -12.24 16.26
CA VAL A 263 -7.00 -12.78 16.42
C VAL A 263 -7.00 -14.24 16.92
N LEU A 264 -7.91 -14.55 17.85
CA LEU A 264 -8.01 -15.89 18.39
C LEU A 264 -8.57 -16.90 17.40
N VAL A 265 -9.57 -16.52 16.63
CA VAL A 265 -10.19 -17.46 15.69
C VAL A 265 -9.57 -17.58 14.31
N ARG A 266 -9.22 -16.48 13.66
CA ARG A 266 -8.62 -16.54 12.33
C ARG A 266 -7.10 -16.54 12.30
N LEU A 267 -6.46 -15.67 13.05
CA LEU A 267 -5.00 -15.61 12.98
C LEU A 267 -4.16 -16.67 13.73
N LEU A 268 -4.43 -17.00 15.00
CA LEU A 268 -3.53 -17.96 15.63
C LEU A 268 -3.37 -19.31 14.96
N PRO A 269 -4.46 -19.91 14.46
CA PRO A 269 -4.29 -21.23 13.83
C PRO A 269 -3.37 -21.12 12.63
N ARG A 270 -3.29 -19.95 12.04
CA ARG A 270 -2.37 -19.85 10.96
C ARG A 270 -0.97 -20.09 11.51
N HIS A 271 -0.79 -20.12 12.83
CA HIS A 271 0.56 -20.32 13.34
C HIS A 271 0.80 -21.50 14.28
N LEU A 272 -0.29 -22.02 14.81
CA LEU A 272 -0.28 -23.16 15.73
C LEU A 272 -1.26 -24.24 15.25
N ASP B 10 32.21 42.17 19.69
CA ASP B 10 31.99 41.06 20.69
C ASP B 10 30.72 40.30 20.32
N ASP B 11 30.16 40.65 19.17
CA ASP B 11 28.96 40.01 18.67
C ASP B 11 29.40 38.72 18.00
N ASP B 12 30.65 38.73 17.56
CA ASP B 12 31.18 37.53 16.95
C ASP B 12 31.27 36.50 18.01
N ASP B 13 31.56 36.93 19.23
CA ASP B 13 31.64 36.01 20.37
C ASP B 13 30.26 35.50 20.80
N LYS B 14 29.24 36.37 20.81
CA LYS B 14 27.87 36.00 21.12
C LYS B 14 27.39 34.95 20.10
N MET B 15 27.69 35.21 18.84
CA MET B 15 27.38 34.38 17.68
C MET B 15 27.98 33.01 17.82
N LEU B 16 29.24 32.91 18.26
CA LEU B 16 29.90 31.60 18.41
C LEU B 16 29.34 30.91 19.62
N ALA B 17 29.07 31.68 20.66
CA ALA B 17 28.51 31.05 21.85
C ALA B 17 27.06 30.54 21.54
N ALA B 18 26.25 31.28 20.79
CA ALA B 18 24.90 30.79 20.49
C ALA B 18 25.04 29.48 19.69
N GLU B 19 25.88 29.51 18.66
CA GLU B 19 26.08 28.29 17.87
C GLU B 19 26.39 27.07 18.77
N ALA B 20 27.34 27.19 19.70
CA ALA B 20 27.72 26.11 20.63
C ALA B 20 26.52 25.70 21.53
N ALA B 21 25.78 26.67 22.05
CA ALA B 21 24.62 26.33 22.86
C ALA B 21 23.66 25.57 21.95
N ASN B 22 23.33 26.14 20.80
CA ASN B 22 22.42 25.41 19.94
C ASN B 22 22.95 24.03 19.68
N ARG B 23 24.20 23.92 19.29
CA ARG B 23 24.78 22.60 19.03
C ARG B 23 24.66 21.60 20.14
N ASP B 24 24.93 22.03 21.34
CA ASP B 24 24.88 21.13 22.44
C ASP B 24 23.49 20.63 22.74
N HIS B 25 22.54 21.58 22.77
CA HIS B 25 21.13 21.29 23.00
C HIS B 25 20.62 20.29 21.94
N VAL B 26 21.16 20.30 20.73
CA VAL B 26 20.71 19.39 19.71
C VAL B 26 21.37 18.02 19.84
N THR B 27 22.67 17.98 20.09
CA THR B 27 23.30 16.67 20.23
C THR B 27 22.81 15.93 21.50
N ARG B 28 22.52 16.65 22.60
CA ARG B 28 22.03 15.93 23.80
C ARG B 28 20.73 15.21 23.42
N CYS B 29 19.84 16.05 22.93
CA CYS B 29 18.56 15.64 22.48
C CYS B 29 18.66 14.43 21.55
N VAL B 30 19.48 14.50 20.51
CA VAL B 30 19.66 13.37 19.59
C VAL B 30 20.24 12.11 20.30
N ALA B 31 21.18 12.35 21.22
CA ALA B 31 21.81 11.27 21.97
C ALA B 31 20.78 10.55 22.85
N GLN B 32 20.07 11.30 23.69
CA GLN B 32 19.08 10.67 24.54
C GLN B 32 17.94 9.97 23.79
N THR B 33 17.69 10.34 22.56
CA THR B 33 16.61 9.66 21.86
C THR B 33 17.08 8.33 21.32
N GLY B 34 18.39 8.08 21.36
CA GLY B 34 18.90 6.81 20.85
C GLY B 34 19.60 6.87 19.51
N GLY B 35 19.88 8.07 19.03
CA GLY B 35 20.54 8.20 17.75
C GLY B 35 22.00 7.81 17.87
N SER B 36 22.52 7.02 16.90
CA SER B 36 23.93 6.58 16.88
C SER B 36 24.97 7.73 17.04
N PRO B 37 26.26 7.40 17.22
CA PRO B 37 27.16 8.57 17.36
C PRO B 37 27.39 9.24 16.02
N ASP B 38 27.18 8.53 14.91
CA ASP B 38 27.33 9.17 13.58
C ASP B 38 26.38 10.34 13.54
N LEU B 39 25.09 9.94 13.60
CA LEU B 39 23.95 10.83 13.55
C LEU B 39 24.15 11.96 14.50
N VAL B 40 24.86 11.74 15.58
CA VAL B 40 25.11 12.84 16.48
C VAL B 40 26.15 13.75 15.85
N ALA B 41 27.18 13.17 15.25
CA ALA B 41 28.22 13.96 14.60
C ALA B 41 27.64 14.62 13.34
N HIS B 42 26.60 14.02 12.77
CA HIS B 42 25.98 14.59 11.60
C HIS B 42 25.33 15.92 11.95
N THR B 43 24.60 15.94 13.06
CA THR B 43 23.92 17.16 13.40
C THR B 43 24.81 18.21 14.03
N ALA B 44 25.95 17.84 14.61
CA ALA B 44 26.75 18.92 15.19
C ALA B 44 27.51 19.57 14.03
N ALA B 45 27.53 18.88 12.92
CA ALA B 45 28.24 19.40 11.80
C ALA B 45 27.40 20.47 11.07
N LEU B 46 26.08 20.53 11.30
CA LEU B 46 25.22 21.53 10.64
C LEU B 46 25.49 22.93 11.23
N ARG B 47 26.69 23.43 10.98
CA ARG B 47 27.11 24.69 11.54
C ARG B 47 26.28 25.88 11.19
N LEU B 48 26.00 26.11 9.90
CA LEU B 48 25.19 27.28 9.58
C LEU B 48 23.73 27.11 10.08
N TYR B 49 23.18 25.91 9.90
CA TYR B 49 21.83 25.68 10.41
C TYR B 49 21.80 25.97 11.88
N LEU B 50 22.84 25.59 12.62
CA LEU B 50 22.81 25.84 14.03
C LEU B 50 23.00 27.29 14.39
N ARG B 51 23.68 28.01 13.50
CA ARG B 51 23.96 29.41 13.77
C ARG B 51 22.84 30.36 13.37
N VAL B 52 22.12 30.01 12.31
CA VAL B 52 21.08 30.89 11.83
C VAL B 52 20.06 31.36 12.89
N PRO B 53 19.72 30.49 13.85
CA PRO B 53 18.77 30.90 14.89
C PRO B 53 19.23 32.16 15.65
N HIS B 54 20.53 32.37 15.68
CA HIS B 54 21.08 33.54 16.35
C HIS B 54 20.73 34.79 15.48
N PHE B 55 20.87 34.65 14.16
CA PHE B 55 20.53 35.76 13.33
C PHE B 55 19.03 36.10 13.47
N LEU B 56 18.18 35.08 13.53
CA LEU B 56 16.73 35.29 13.56
C LEU B 56 16.25 35.87 14.83
N THR B 57 16.95 35.58 15.91
CA THR B 57 16.54 36.13 17.23
C THR B 57 17.26 37.45 17.62
N GLU B 58 17.88 38.09 16.65
CA GLU B 58 18.64 39.28 16.91
C GLU B 58 17.82 40.42 17.39
N TRP B 59 16.50 40.35 17.22
CA TRP B 59 15.69 41.47 17.66
C TRP B 59 15.26 41.25 19.11
N THR B 60 15.59 40.07 19.63
CA THR B 60 15.15 39.71 20.96
C THR B 60 15.93 40.35 22.07
N THR B 61 15.35 41.38 22.65
CA THR B 61 15.99 42.10 23.74
C THR B 61 16.36 41.27 24.97
N ASP B 62 15.52 40.35 25.44
CA ASP B 62 15.87 39.57 26.64
C ASP B 62 16.76 38.39 26.33
N PRO B 63 17.96 38.37 26.90
CA PRO B 63 18.92 37.30 26.66
C PRO B 63 18.46 35.89 26.99
N ASP B 64 17.69 35.77 28.06
CA ASP B 64 17.19 34.45 28.46
C ASP B 64 16.15 33.95 27.50
N ARG B 65 15.30 34.85 27.04
CA ARG B 65 14.31 34.46 26.07
C ARG B 65 15.03 34.20 24.74
N ARG B 66 16.10 34.94 24.51
CA ARG B 66 16.79 34.79 23.27
C ARG B 66 17.45 33.48 23.16
N ALA B 67 18.09 33.03 24.22
CA ALA B 67 18.75 31.74 24.09
C ALA B 67 17.72 30.59 23.97
N ALA B 68 16.65 30.67 24.74
CA ALA B 68 15.64 29.62 24.65
C ALA B 68 14.99 29.57 23.25
N VAL B 69 14.59 30.71 22.70
CA VAL B 69 13.99 30.66 21.36
C VAL B 69 15.02 30.16 20.33
N SER B 70 16.25 30.61 20.49
CA SER B 70 17.29 30.25 19.56
C SER B 70 17.52 28.76 19.45
N ARG B 71 17.66 28.09 20.59
CA ARG B 71 17.86 26.63 20.52
C ARG B 71 16.61 25.86 20.10
N ALA B 72 15.41 26.41 20.38
CA ALA B 72 14.20 25.73 19.92
C ALA B 72 14.19 25.79 18.39
N LEU B 73 14.58 26.94 17.82
CA LEU B 73 14.62 26.98 16.36
C LEU B 73 15.64 25.98 15.85
N ALA B 74 16.78 25.91 16.52
CA ALA B 74 17.81 25.00 16.04
C ALA B 74 17.23 23.59 16.01
N LEU B 75 16.49 23.21 17.05
CA LEU B 75 15.86 21.85 17.07
C LEU B 75 15.00 21.60 15.84
N ASP B 76 14.13 22.56 15.51
CA ASP B 76 13.28 22.31 14.35
C ASP B 76 13.99 22.36 13.01
N ILE B 77 14.93 23.31 12.87
CA ILE B 77 15.65 23.41 11.63
C ILE B 77 16.43 22.12 11.33
N VAL B 78 17.03 21.57 12.38
CA VAL B 78 17.83 20.36 12.22
C VAL B 78 16.91 19.22 11.88
N SER B 79 15.85 19.09 12.67
CA SER B 79 14.87 18.07 12.39
C SER B 79 14.46 18.11 10.90
N MET B 80 14.15 19.30 10.37
CA MET B 80 13.75 19.38 8.96
C MET B 80 14.88 18.96 8.05
N LYS B 81 16.09 19.35 8.41
CA LYS B 81 17.21 18.92 7.61
C LYS B 81 17.28 17.37 7.67
N LEU B 82 17.07 16.76 8.85
CA LEU B 82 17.12 15.31 8.88
C LEU B 82 16.05 14.71 7.99
N LEU B 83 14.85 15.28 7.99
CA LEU B 83 13.79 14.75 7.13
C LEU B 83 14.26 14.83 5.65
N ASP B 84 14.95 15.90 5.28
CA ASP B 84 15.40 15.98 3.90
C ASP B 84 16.43 14.87 3.63
N ASP B 85 17.33 14.60 4.57
CA ASP B 85 18.33 13.54 4.40
C ASP B 85 17.62 12.20 4.20
N LEU B 86 16.54 12.04 4.93
CA LEU B 86 15.73 10.84 4.87
C LEU B 86 15.06 10.70 3.49
N MET B 87 14.67 11.79 2.86
CA MET B 87 14.05 11.60 1.56
C MET B 87 15.10 11.30 0.49
N ASP B 88 16.35 11.67 0.71
CA ASP B 88 17.33 11.36 -0.29
C ASP B 88 18.11 10.05 -0.14
N ASP B 89 18.11 9.44 1.03
CA ASP B 89 18.79 8.13 1.20
C ASP B 89 20.26 8.08 0.75
N ASP B 90 20.98 9.19 0.91
CA ASP B 90 22.38 9.29 0.48
C ASP B 90 23.39 9.62 1.57
N THR B 91 22.97 9.64 2.83
CA THR B 91 23.92 9.95 3.88
C THR B 91 24.60 8.68 4.37
N GLY B 92 23.96 7.54 4.12
CA GLY B 92 24.55 6.32 4.62
C GLY B 92 23.93 6.02 5.98
N LEU B 93 23.62 7.06 6.76
CA LEU B 93 22.98 6.96 8.07
C LEU B 93 21.80 6.00 8.10
N ASP B 94 21.48 5.49 9.30
CA ASP B 94 20.35 4.53 9.48
C ASP B 94 18.97 5.20 9.20
N ARG B 95 18.28 4.76 8.17
CA ARG B 95 17.01 5.36 7.88
C ARG B 95 16.14 5.49 9.12
N VAL B 96 16.11 4.45 9.96
CA VAL B 96 15.29 4.48 11.19
C VAL B 96 15.65 5.58 12.19
N GLU B 97 16.90 5.64 12.60
CA GLU B 97 17.34 6.67 13.56
C GLU B 97 17.03 8.06 13.05
N LEU B 98 17.14 8.26 11.73
CA LEU B 98 16.86 9.56 11.15
C LEU B 98 15.36 9.82 11.33
N ALA B 99 14.50 8.91 10.89
CA ALA B 99 13.08 9.18 11.07
C ALA B 99 12.73 9.44 12.55
N CYS B 100 13.28 8.64 13.47
CA CYS B 100 12.89 8.84 14.85
C CYS B 100 13.46 10.02 15.48
N VAL B 101 14.71 10.32 15.13
CA VAL B 101 15.36 11.51 15.71
C VAL B 101 14.76 12.75 15.12
N CYS B 102 14.34 12.68 13.86
CA CYS B 102 13.71 13.79 13.21
C CYS B 102 12.39 14.08 13.98
N LEU B 103 11.54 13.10 14.13
CA LEU B 103 10.31 13.35 14.85
C LEU B 103 10.55 13.86 16.29
N ARG B 104 11.44 13.19 17.01
CA ARG B 104 11.63 13.63 18.39
C ARG B 104 12.06 15.07 18.57
N LEU B 105 12.92 15.57 17.69
CA LEU B 105 13.41 16.96 17.80
C LEU B 105 12.33 17.98 17.49
N HIS B 106 11.55 17.63 16.49
CA HIS B 106 10.46 18.48 16.07
C HIS B 106 9.48 18.57 17.19
N LEU B 107 9.15 17.47 17.87
CA LEU B 107 8.17 17.59 18.94
C LEU B 107 8.69 18.43 20.07
N ARG B 108 9.99 18.37 20.31
CA ARG B 108 10.56 19.18 21.40
C ARG B 108 10.52 20.65 20.96
N ALA B 109 10.80 20.88 19.69
CA ALA B 109 10.77 22.25 19.18
C ALA B 109 9.39 22.87 19.41
N LEU B 110 8.33 22.13 19.09
CA LEU B 110 6.97 22.65 19.21
C LEU B 110 6.67 22.97 20.63
N HIS B 111 7.12 22.09 21.51
CA HIS B 111 6.87 22.31 22.87
C HIS B 111 7.64 23.49 23.33
N GLU B 112 8.88 23.62 22.92
CA GLU B 112 9.62 24.77 23.42
C GLU B 112 9.13 26.12 22.87
N LEU B 113 8.94 26.19 21.54
CA LEU B 113 8.44 27.39 20.90
C LEU B 113 7.05 27.74 21.45
N GLU B 114 6.20 26.76 21.72
CA GLU B 114 4.88 27.12 22.21
C GLU B 114 4.89 27.70 23.58
N SER B 115 5.86 27.32 24.42
CA SER B 115 5.97 27.85 25.78
C SER B 115 6.44 29.32 25.75
N LEU B 116 6.98 29.75 24.63
CA LEU B 116 7.42 31.13 24.60
C LEU B 116 6.56 32.01 23.74
N ALA B 117 5.56 31.45 23.07
CA ALA B 117 4.75 32.21 22.13
C ALA B 117 3.88 33.34 22.62
N ARG B 118 3.60 34.27 21.71
CA ARG B 118 2.77 35.40 22.08
C ARG B 118 1.31 35.00 22.03
N ASP B 119 1.06 33.75 21.67
CA ASP B 119 -0.30 33.29 21.54
C ASP B 119 -0.32 31.76 21.38
N PRO B 120 -1.23 31.08 22.08
CA PRO B 120 -1.25 29.61 21.96
C PRO B 120 -1.37 29.03 20.57
N LYS B 121 -1.98 29.73 19.63
CA LYS B 121 -2.06 29.22 18.27
C LYS B 121 -1.04 29.76 17.26
N ALA B 122 -0.18 30.71 17.67
CA ALA B 122 0.81 31.27 16.74
C ALA B 122 1.77 30.28 16.08
N VAL B 123 2.25 29.28 16.83
CA VAL B 123 3.18 28.35 16.23
C VAL B 123 2.58 27.51 15.13
N THR B 124 1.46 26.85 15.45
CA THR B 124 0.79 26.00 14.49
C THR B 124 0.18 26.83 13.36
N ASP B 125 -0.23 28.07 13.65
CA ASP B 125 -0.79 28.89 12.55
C ASP B 125 0.31 29.13 11.53
N ILE B 126 1.49 29.46 12.04
CA ILE B 126 2.60 29.76 11.18
C ILE B 126 3.03 28.52 10.39
N LEU B 127 3.08 27.35 11.03
CA LEU B 127 3.55 26.15 10.35
C LEU B 127 2.56 25.72 9.30
N GLU B 128 1.28 26.00 9.56
CA GLU B 128 0.21 25.62 8.63
C GLU B 128 -0.03 26.59 7.46
N GLN B 129 0.01 27.90 7.76
CA GLN B 129 -0.20 29.00 6.78
C GLN B 129 0.31 28.61 5.40
N ASP B 130 1.59 28.27 5.31
CA ASP B 130 2.15 27.94 4.04
C ASP B 130 2.74 26.57 3.84
N ALA B 131 2.32 25.65 4.68
CA ALA B 131 2.74 24.27 4.60
C ALA B 131 2.58 23.72 3.19
N VAL B 132 1.50 24.08 2.50
CA VAL B 132 1.29 23.49 1.17
C VAL B 132 2.27 24.03 0.15
N HIS B 133 2.54 25.32 0.26
CA HIS B 133 3.45 25.99 -0.64
C HIS B 133 4.83 25.39 -0.40
N LEU B 134 5.13 25.09 0.85
CA LEU B 134 6.41 24.51 1.21
C LEU B 134 6.58 23.07 0.72
N CYS B 135 5.64 22.21 1.09
CA CYS B 135 5.71 20.80 0.75
C CYS B 135 5.46 20.49 -0.73
N GLY B 136 4.39 21.00 -1.32
CA GLY B 136 4.18 20.76 -2.73
C GLY B 136 5.29 21.47 -3.45
N GLY B 137 5.84 22.52 -2.85
CA GLY B 137 6.94 23.19 -3.50
C GLY B 137 8.15 22.23 -3.61
N GLN B 138 8.54 21.60 -2.50
CA GLN B 138 9.70 20.70 -2.51
C GLN B 138 9.47 19.55 -3.46
N ILE B 139 8.24 19.05 -3.53
CA ILE B 139 7.96 17.97 -4.44
C ILE B 139 8.18 18.43 -5.87
N ARG B 140 7.70 19.62 -6.23
CA ARG B 140 7.86 20.09 -7.60
C ARG B 140 9.32 20.40 -7.92
N THR B 141 10.06 20.82 -6.92
CA THR B 141 11.46 21.13 -7.08
C THR B 141 12.26 19.88 -7.49
N LYS B 142 12.07 18.78 -6.76
CA LYS B 142 12.81 17.53 -7.05
C LYS B 142 12.26 16.77 -8.28
N ARG B 143 11.03 17.08 -8.65
CA ARG B 143 10.41 16.47 -9.79
C ARG B 143 10.95 17.10 -11.09
N SER B 144 10.66 18.39 -11.25
CA SER B 144 11.03 19.19 -12.42
C SER B 144 12.25 20.12 -12.33
N ARG B 145 13.45 19.59 -12.51
CA ARG B 145 14.65 20.39 -12.45
C ARG B 145 14.66 21.67 -13.28
N ALA B 146 15.16 22.75 -12.66
CA ALA B 146 15.23 24.09 -13.24
C ALA B 146 16.21 24.20 -14.38
N THR B 147 15.87 25.02 -15.36
CA THR B 147 16.75 25.18 -16.53
C THR B 147 17.09 26.59 -16.93
N ASN B 148 16.81 27.55 -16.06
CA ASN B 148 17.17 28.94 -16.33
C ASN B 148 17.11 29.66 -14.97
N LEU B 149 17.56 30.90 -14.87
CA LEU B 149 17.55 31.58 -13.59
C LEU B 149 16.15 31.68 -13.05
N ARG B 150 15.23 32.12 -13.89
CA ARG B 150 13.84 32.25 -13.44
C ARG B 150 13.33 30.92 -12.76
N GLU B 151 13.49 29.77 -13.41
CA GLU B 151 13.03 28.53 -12.83
C GLU B 151 13.72 28.26 -11.53
N TRP B 152 15.04 28.34 -11.56
CA TRP B 152 15.88 28.14 -10.36
C TRP B 152 15.41 28.97 -9.17
N ARG B 153 15.22 30.26 -9.38
CA ARG B 153 14.80 31.16 -8.32
C ARG B 153 13.42 30.81 -7.78
N ALA B 154 12.54 30.36 -8.64
CA ALA B 154 11.18 29.96 -8.24
C ALA B 154 11.24 28.74 -7.32
N HIS B 155 12.10 27.77 -7.66
CA HIS B 155 12.21 26.60 -6.81
C HIS B 155 12.80 27.01 -5.47
N ALA B 156 13.93 27.73 -5.54
CA ALA B 156 14.62 28.16 -4.33
C ALA B 156 13.77 29.06 -3.43
N SER B 157 12.68 29.61 -3.96
CA SER B 157 11.86 30.47 -3.14
C SER B 157 10.99 29.66 -2.20
N THR B 158 10.87 28.37 -2.43
CA THR B 158 10.06 27.61 -1.49
C THR B 158 10.96 26.84 -0.52
N TYR B 159 11.86 25.99 -1.05
CA TYR B 159 12.70 25.25 -0.11
C TYR B 159 13.82 26.10 0.52
N GLY B 160 13.99 27.32 0.03
CA GLY B 160 14.99 28.18 0.63
C GLY B 160 14.28 29.29 1.41
N SER B 161 13.67 30.25 0.70
CA SER B 161 13.06 31.40 1.35
C SER B 161 11.86 31.09 2.23
N THR B 162 10.93 30.29 1.72
CA THR B 162 9.75 30.00 2.51
C THR B 162 10.17 29.19 3.71
N PHE B 163 11.03 28.21 3.50
CA PHE B 163 11.51 27.35 4.57
C PHE B 163 12.09 28.20 5.74
N LEU B 164 13.05 29.08 5.44
CA LEU B 164 13.60 29.88 6.48
C LEU B 164 12.65 30.99 6.99
N GLY B 165 11.76 31.50 6.12
CA GLY B 165 10.87 32.56 6.54
C GLY B 165 9.91 32.12 7.63
N ARG B 166 9.61 30.83 7.69
CA ARG B 166 8.72 30.34 8.72
C ARG B 166 9.42 30.51 10.05
N TYR B 167 10.69 30.10 10.11
CA TYR B 167 11.43 30.26 11.35
C TYR B 167 11.54 31.72 11.71
N GLY B 168 11.72 32.57 10.71
CA GLY B 168 11.77 34.01 10.93
C GLY B 168 10.51 34.45 11.65
N ALA B 169 9.38 34.10 11.06
CA ALA B 169 8.08 34.43 11.63
C ALA B 169 7.92 33.86 13.08
N LEU B 170 8.50 32.67 13.32
CA LEU B 170 8.44 32.02 14.63
C LEU B 170 9.30 32.76 15.65
N ALA B 171 10.52 33.12 15.27
CA ALA B 171 11.35 33.90 16.19
C ALA B 171 10.59 35.21 16.58
N ALA B 172 9.88 35.85 15.65
CA ALA B 172 9.16 37.06 16.02
C ALA B 172 8.00 36.71 16.94
N ALA B 173 7.39 35.56 16.68
CA ALA B 173 6.24 35.12 17.45
C ALA B 173 6.60 34.73 18.85
N CYS B 174 7.84 34.26 19.06
CA CYS B 174 8.28 33.83 20.39
C CYS B 174 9.30 34.70 21.06
N GLY B 175 9.66 35.79 20.40
CA GLY B 175 10.69 36.62 20.97
C GLY B 175 10.22 37.80 21.75
N GLY B 176 9.08 37.68 22.42
CA GLY B 176 8.58 38.81 23.20
C GLY B 176 8.31 40.11 22.45
N GLU B 177 8.42 41.20 23.18
CA GLU B 177 8.14 42.54 22.65
C GLU B 177 9.10 43.21 21.66
N GLY B 178 8.52 44.03 20.79
CA GLY B 178 9.27 44.78 19.80
C GLY B 178 9.85 44.01 18.64
N GLN B 179 9.13 43.01 18.14
CA GLN B 179 9.65 42.21 17.04
C GLN B 179 8.90 42.64 15.81
N PRO B 180 9.58 43.25 14.85
CA PRO B 180 8.87 43.68 13.64
C PRO B 180 8.67 42.49 12.70
N ALA B 181 7.72 41.64 13.06
CA ALA B 181 7.37 40.45 12.31
C ALA B 181 7.68 40.44 10.81
N ASP B 182 7.03 41.30 10.07
CA ASP B 182 7.30 41.33 8.67
C ASP B 182 8.78 41.48 8.28
N SER B 183 9.53 42.26 9.04
CA SER B 183 10.93 42.46 8.74
C SER B 183 11.83 41.24 8.99
N VAL B 184 11.65 40.63 10.16
CA VAL B 184 12.41 39.44 10.53
C VAL B 184 12.10 38.45 9.41
N ARG B 185 10.83 38.34 9.06
CA ARG B 185 10.54 37.39 8.02
C ARG B 185 11.13 37.81 6.68
N GLU B 186 11.13 39.10 6.36
CA GLU B 186 11.71 39.52 5.08
C GLU B 186 13.21 39.21 5.04
N PHE B 187 13.88 39.41 6.18
CA PHE B 187 15.32 39.12 6.28
C PHE B 187 15.58 37.64 6.05
N ALA B 188 14.87 36.81 6.79
CA ALA B 188 15.03 35.38 6.63
C ALA B 188 14.84 34.94 5.19
N GLU B 189 13.89 35.51 4.46
CA GLU B 189 13.69 34.99 3.09
C GLU B 189 14.78 35.44 2.15
N ALA B 190 15.22 36.68 2.34
CA ALA B 190 16.25 37.19 1.47
C ALA B 190 17.55 36.45 1.76
N PHE B 191 17.94 36.44 3.04
CA PHE B 191 19.15 35.78 3.45
C PHE B 191 19.15 34.28 3.08
N ALA B 192 18.04 33.61 3.25
CA ALA B 192 17.99 32.17 2.92
C ALA B 192 18.32 31.90 1.42
N MET B 193 17.88 32.81 0.54
CA MET B 193 18.16 32.62 -0.86
C MET B 193 19.67 32.85 -1.05
N THR B 194 20.25 33.87 -0.45
CA THR B 194 21.71 34.05 -0.57
C THR B 194 22.40 32.73 -0.13
N ILE B 195 22.09 32.27 1.08
CA ILE B 195 22.66 31.02 1.61
C ILE B 195 22.37 29.83 0.64
N THR B 196 21.18 29.75 0.07
CA THR B 196 20.82 28.67 -0.84
C THR B 196 21.69 28.71 -2.10
N MET B 197 21.99 29.89 -2.64
CA MET B 197 22.87 30.00 -3.82
C MET B 197 24.28 29.53 -3.43
N ALA B 198 24.78 30.04 -2.31
CA ALA B 198 26.08 29.63 -1.81
C ALA B 198 26.09 28.08 -1.74
N ASP B 199 25.09 27.49 -1.12
CA ASP B 199 25.07 26.05 -0.99
C ASP B 199 25.15 25.36 -2.34
N ASP B 200 24.38 25.88 -3.29
CA ASP B 200 24.31 25.31 -4.62
C ASP B 200 25.67 25.38 -5.34
N LEU B 201 26.38 26.47 -5.19
CA LEU B 201 27.62 26.64 -5.88
C LEU B 201 28.81 26.02 -5.18
N THR B 202 28.59 25.40 -4.01
CA THR B 202 29.65 24.74 -3.25
C THR B 202 29.54 23.24 -3.50
N ASP B 203 28.27 22.84 -3.54
CA ASP B 203 27.84 21.47 -3.74
C ASP B 203 27.92 20.91 -5.17
N TYR B 204 28.27 21.74 -6.14
CA TYR B 204 28.43 21.22 -7.49
C TYR B 204 29.61 20.26 -7.38
N ASP B 205 30.64 20.74 -6.68
CA ASP B 205 31.86 20.00 -6.43
C ASP B 205 31.86 19.18 -5.14
N ARG B 206 31.76 19.83 -3.98
CA ARG B 206 31.79 19.09 -2.71
C ARG B 206 30.84 17.86 -2.63
N ASN B 207 29.65 17.98 -3.25
CA ASN B 207 28.58 16.98 -3.23
C ASN B 207 28.31 16.13 -4.53
N GLY B 208 28.40 16.75 -5.71
CA GLY B 208 28.16 16.03 -6.96
C GLY B 208 26.84 16.33 -7.67
N GLU B 209 26.22 17.45 -7.29
CA GLU B 209 24.93 17.93 -7.82
C GLU B 209 24.92 18.58 -9.22
N ARG B 210 24.05 18.04 -10.09
CA ARG B 210 23.92 18.55 -11.44
C ARG B 210 22.50 18.99 -11.80
N ASP B 211 21.51 18.11 -11.65
CA ASP B 211 20.14 18.48 -12.03
C ASP B 211 19.44 19.62 -11.28
N GLY B 212 19.19 20.70 -12.03
CA GLY B 212 18.53 21.89 -11.51
C GLY B 212 19.45 22.75 -10.68
N ASN B 213 20.73 22.39 -10.61
CA ASN B 213 21.76 23.08 -9.82
C ASN B 213 22.39 24.30 -10.53
N LEU B 214 22.34 25.43 -9.86
CA LEU B 214 22.84 26.71 -10.38
C LEU B 214 24.24 26.75 -10.96
N ALA B 215 25.16 25.97 -10.41
CA ALA B 215 26.55 25.93 -10.90
C ALA B 215 26.58 25.30 -12.27
N HIS B 216 25.84 24.22 -12.39
CA HIS B 216 25.72 23.54 -13.67
C HIS B 216 25.06 24.51 -14.67
N LEU B 217 23.90 25.07 -14.33
CA LEU B 217 23.23 25.99 -15.23
C LEU B 217 24.15 27.10 -15.67
N MET B 218 25.15 27.41 -14.85
CA MET B 218 26.10 28.46 -15.20
C MET B 218 27.20 27.89 -16.07
N ARG B 219 27.74 26.73 -15.71
CA ARG B 219 28.80 26.15 -16.52
C ARG B 219 28.26 25.82 -17.95
N THR B 220 26.98 25.51 -17.99
CA THR B 220 26.21 25.14 -19.16
C THR B 220 25.79 26.29 -20.08
N GLY B 221 25.77 27.50 -19.55
CA GLY B 221 25.34 28.63 -20.36
C GLY B 221 23.90 29.08 -20.09
N ALA B 222 23.09 28.17 -19.60
CA ALA B 222 21.70 28.47 -19.29
C ALA B 222 21.45 29.62 -18.31
N VAL B 223 22.52 30.17 -17.73
CA VAL B 223 22.40 31.25 -16.76
C VAL B 223 23.59 32.15 -16.92
N ALA B 224 23.38 33.46 -16.99
CA ALA B 224 24.48 34.42 -17.20
C ALA B 224 25.01 34.95 -15.91
N GLY B 225 26.33 34.98 -15.79
CA GLY B 225 26.93 35.41 -14.55
C GLY B 225 26.39 36.70 -14.00
N GLN B 226 26.34 37.72 -14.85
CA GLN B 226 25.89 39.03 -14.44
C GLN B 226 24.47 38.94 -13.86
N ASP B 227 23.67 37.98 -14.29
CA ASP B 227 22.33 37.85 -13.72
C ASP B 227 22.38 37.27 -12.29
N VAL B 228 23.33 36.36 -12.06
CA VAL B 228 23.50 35.82 -10.73
C VAL B 228 23.98 36.97 -9.81
N VAL B 229 24.88 37.81 -10.32
CA VAL B 229 25.36 38.95 -9.53
C VAL B 229 24.18 39.92 -9.18
N ASP B 230 23.23 40.08 -10.07
CA ASP B 230 22.18 41.04 -9.77
C ASP B 230 21.25 40.44 -8.73
N LEU B 231 20.98 39.13 -8.84
CA LEU B 231 20.10 38.49 -7.88
C LEU B 231 20.73 38.67 -6.50
N LEU B 232 22.03 38.39 -6.43
CA LEU B 232 22.74 38.51 -5.18
C LEU B 232 22.66 39.91 -4.68
N GLU B 233 22.73 40.89 -5.59
CA GLU B 233 22.69 42.27 -5.11
C GLU B 233 21.28 42.63 -4.66
N GLU B 234 20.28 42.08 -5.35
CA GLU B 234 18.87 42.29 -5.02
C GLU B 234 18.70 41.68 -3.60
N LEU B 235 19.17 40.44 -3.41
CA LEU B 235 19.05 39.80 -2.09
C LEU B 235 19.74 40.56 -0.96
N ARG B 236 20.92 41.12 -1.22
CA ARG B 236 21.65 41.86 -0.21
C ARG B 236 20.85 43.12 0.23
N GLY B 237 20.28 43.82 -0.75
CA GLY B 237 19.53 45.03 -0.46
C GLY B 237 18.26 44.71 0.27
N ARG B 238 17.60 43.61 -0.11
CA ARG B 238 16.37 43.19 0.54
C ARG B 238 16.70 42.90 2.00
N ALA B 239 17.82 42.24 2.25
CA ALA B 239 18.16 41.92 3.63
C ALA B 239 18.55 43.17 4.44
N LEU B 240 19.34 44.02 3.80
CA LEU B 240 19.78 45.24 4.46
C LEU B 240 18.55 46.09 4.83
N ALA B 241 17.56 46.20 3.93
CA ALA B 241 16.43 47.02 4.29
C ALA B 241 15.64 46.44 5.45
N ALA B 242 15.48 45.11 5.47
CA ALA B 242 14.70 44.47 6.54
C ALA B 242 15.34 44.74 7.90
N VAL B 243 16.65 44.63 7.91
CA VAL B 243 17.36 44.81 9.12
C VAL B 243 17.35 46.28 9.51
N ALA B 244 16.97 47.13 8.57
CA ALA B 244 16.94 48.54 8.90
C ALA B 244 15.62 48.98 9.52
N ALA B 245 14.52 48.24 9.31
CA ALA B 245 13.24 48.65 9.88
C ALA B 245 13.30 48.79 11.40
N PRO B 246 12.68 49.86 11.96
CA PRO B 246 12.71 50.04 13.44
C PRO B 246 12.06 48.89 14.20
N PRO B 247 12.61 48.53 15.36
CA PRO B 247 13.79 49.10 16.02
C PRO B 247 15.16 48.73 15.45
N GLY B 248 15.21 48.05 14.31
CA GLY B 248 16.51 47.70 13.74
C GLY B 248 17.32 46.59 14.40
N ALA B 249 18.06 45.85 13.56
CA ALA B 249 18.97 44.77 14.02
C ALA B 249 20.27 45.11 13.25
N PRO B 250 20.89 46.26 13.64
CA PRO B 250 22.12 46.78 13.03
C PRO B 250 23.23 45.73 13.02
N GLY B 251 23.23 44.91 14.07
CA GLY B 251 24.21 43.83 14.16
C GLY B 251 24.20 42.87 12.96
N LEU B 252 23.08 42.78 12.25
CA LEU B 252 23.01 41.89 11.13
C LEU B 252 23.64 42.42 9.84
N VAL B 253 23.95 43.71 9.81
CA VAL B 253 24.54 44.29 8.60
C VAL B 253 25.85 43.59 8.15
N PRO B 254 26.84 43.41 9.05
CA PRO B 254 28.11 42.74 8.68
C PRO B 254 27.81 41.29 8.27
N VAL B 255 26.82 40.69 8.93
CA VAL B 255 26.43 39.33 8.59
C VAL B 255 25.94 39.30 7.13
N VAL B 256 25.02 40.19 6.75
CA VAL B 256 24.54 40.20 5.36
C VAL B 256 25.67 40.42 4.33
N HIS B 257 26.57 41.38 4.61
CA HIS B 257 27.67 41.65 3.68
C HIS B 257 28.65 40.49 3.59
N LEU B 258 28.85 39.84 4.74
CA LEU B 258 29.75 38.71 4.84
C LEU B 258 29.33 37.57 3.93
N TYR B 259 28.05 37.23 3.98
CA TYR B 259 27.62 36.11 3.16
C TYR B 259 27.47 36.52 1.73
N THR B 260 26.97 37.72 1.49
CA THR B 260 26.84 38.11 0.12
C THR B 260 28.21 38.18 -0.54
N ASP B 261 29.18 38.83 0.11
CA ASP B 261 30.54 38.94 -0.46
C ASP B 261 31.26 37.61 -0.62
N ASP B 262 30.92 36.62 0.20
CA ASP B 262 31.57 35.37 0.08
C ASP B 262 31.14 34.69 -1.20
N VAL B 263 29.86 34.78 -1.57
CA VAL B 263 29.42 34.17 -2.83
C VAL B 263 30.08 34.89 -4.03
N LEU B 264 30.01 36.21 -4.03
CA LEU B 264 30.60 37.01 -5.10
C LEU B 264 32.10 36.80 -5.28
N VAL B 265 32.86 36.86 -4.19
CA VAL B 265 34.29 36.80 -4.27
C VAL B 265 34.94 35.46 -4.31
N ARG B 266 34.33 34.47 -3.69
CA ARG B 266 34.92 33.18 -3.64
C ARG B 266 34.21 32.16 -4.47
N LEU B 267 32.90 32.09 -4.36
CA LEU B 267 32.21 31.05 -5.11
C LEU B 267 31.99 31.28 -6.60
N LEU B 268 31.46 32.43 -7.01
CA LEU B 268 31.22 32.68 -8.42
C LEU B 268 32.37 32.39 -9.35
N PRO B 269 33.58 32.87 -9.04
CA PRO B 269 34.66 32.57 -9.99
C PRO B 269 34.91 31.10 -10.29
N ARG B 270 34.57 30.20 -9.38
CA ARG B 270 34.80 28.80 -9.67
C ARG B 270 33.89 28.35 -10.82
N HIS B 271 32.95 29.19 -11.22
CA HIS B 271 32.04 28.77 -12.25
C HIS B 271 31.94 29.66 -13.53
N LEU B 272 32.51 30.87 -13.49
CA LEU B 272 32.47 31.77 -14.63
C LEU B 272 33.85 31.72 -15.21
N GLY B 273 34.84 32.03 -14.39
CA GLY B 273 36.20 31.91 -14.87
C GLY B 273 36.98 33.16 -15.12
N GLU B 274 37.05 33.55 -16.40
CA GLU B 274 37.83 34.70 -16.80
C GLU B 274 37.19 36.10 -16.65
N ALA B 275 35.88 36.17 -16.41
CA ALA B 275 35.19 37.47 -16.22
C ALA B 275 33.77 37.32 -15.66
N GLY B 276 33.63 37.58 -14.36
CA GLY B 276 32.33 37.47 -13.71
C GLY B 276 31.24 38.33 -14.33
N ALA B 277 31.54 39.62 -14.50
CA ALA B 277 30.58 40.53 -15.08
C ALA B 277 30.06 39.98 -16.40
N GLY B 278 30.84 40.19 -17.44
CA GLY B 278 30.44 39.76 -18.77
C GLY B 278 30.43 41.02 -19.58
N ALA B 279 30.80 42.11 -18.92
CA ALA B 279 30.88 43.40 -19.56
C ALA B 279 32.35 43.79 -19.62
N MET B 280 33.13 43.06 -20.43
CA MET B 280 34.57 43.32 -20.62
C MET B 280 34.82 44.83 -20.62
N ALA B 281 35.57 45.32 -19.65
CA ALA B 281 35.84 46.76 -19.54
C ALA B 281 36.50 47.35 -20.77
N THR B 282 36.21 48.63 -20.98
CA THR B 282 36.75 49.37 -22.11
C THR B 282 37.13 50.84 -21.78
N VAL B 283 38.15 51.34 -22.48
CA VAL B 283 38.58 52.72 -22.31
C VAL B 283 38.21 53.48 -23.58
N LYS B 284 37.57 54.63 -23.44
CA LYS B 284 37.19 55.43 -24.60
C LYS B 284 38.03 56.69 -24.62
N PHE B 285 38.49 57.08 -25.81
CA PHE B 285 39.32 58.28 -25.97
C PHE B 285 39.40 58.76 -27.42
N LYS B 286 39.97 59.96 -27.62
CA LYS B 286 40.13 60.55 -28.94
C LYS B 286 41.60 60.53 -29.25
N TYR B 287 41.97 59.92 -30.37
CA TYR B 287 43.36 59.84 -30.75
C TYR B 287 43.54 60.18 -32.21
N LYS B 288 44.40 61.16 -32.51
CA LYS B 288 44.67 61.59 -33.89
C LYS B 288 43.37 61.97 -34.59
N GLY B 289 42.51 62.68 -33.87
CA GLY B 289 41.24 63.12 -34.42
C GLY B 289 40.18 62.04 -34.37
N GLU B 290 40.59 60.84 -34.03
CA GLU B 290 39.69 59.70 -33.99
C GLU B 290 38.94 59.43 -32.71
N GLU B 291 38.02 58.49 -32.80
CA GLU B 291 37.22 58.01 -31.67
C GLU B 291 37.80 56.63 -31.46
N LYS B 292 38.01 56.21 -30.22
CA LYS B 292 38.57 54.88 -29.99
C LYS B 292 38.04 54.29 -28.72
N GLU B 293 38.10 52.98 -28.63
CA GLU B 293 37.64 52.32 -27.44
C GLU B 293 38.51 51.09 -27.43
N VAL B 294 39.00 50.69 -26.27
CA VAL B 294 39.85 49.51 -26.22
C VAL B 294 39.52 48.61 -25.02
N ASP B 295 39.78 47.31 -25.18
CA ASP B 295 39.53 46.32 -24.14
C ASP B 295 40.67 46.28 -23.15
N ILE B 296 40.36 46.35 -21.86
CA ILE B 296 41.38 46.31 -20.81
C ILE B 296 42.39 45.18 -21.04
N SER B 297 41.95 44.18 -21.82
CA SER B 297 42.77 43.02 -22.17
C SER B 297 43.83 43.39 -23.22
N LYS B 298 43.58 44.45 -23.97
CA LYS B 298 44.52 44.90 -24.99
C LYS B 298 45.62 45.81 -24.42
N ILE B 299 45.40 46.31 -23.20
CA ILE B 299 46.33 47.22 -22.55
C ILE B 299 47.62 46.70 -21.93
N LYS B 300 48.75 47.16 -22.48
CA LYS B 300 50.08 46.76 -22.01
C LYS B 300 50.61 47.60 -20.81
N LYS B 301 51.08 48.80 -21.08
CA LYS B 301 51.60 49.63 -20.02
C LYS B 301 50.67 50.82 -19.78
N VAL B 302 50.60 51.25 -18.51
CA VAL B 302 49.79 52.40 -18.13
C VAL B 302 50.46 53.08 -16.93
N TRP B 303 50.51 54.42 -16.97
CA TRP B 303 51.13 55.21 -15.92
C TRP B 303 50.40 56.51 -15.77
N ARG B 304 50.65 57.19 -14.66
CA ARG B 304 49.98 58.44 -14.31
C ARG B 304 50.80 59.72 -14.47
N VAL B 305 50.18 60.75 -15.06
CA VAL B 305 50.80 62.07 -15.22
C VAL B 305 49.77 63.06 -14.70
N GLY B 306 49.90 63.46 -13.44
CA GLY B 306 48.91 64.37 -12.84
C GLY B 306 47.53 63.69 -12.68
N LYS B 307 46.51 64.19 -13.37
CA LYS B 307 45.20 63.59 -13.30
C LYS B 307 44.90 62.88 -14.62
N MET B 308 45.95 62.69 -15.43
CA MET B 308 45.86 62.02 -16.73
C MET B 308 46.37 60.61 -16.56
N ILE B 309 45.82 59.72 -17.35
CA ILE B 309 46.21 58.33 -17.35
C ILE B 309 46.70 58.06 -18.79
N SER B 310 48.00 57.81 -18.93
CA SER B 310 48.59 57.57 -20.25
C SER B 310 48.81 56.07 -20.46
N PHE B 311 48.65 55.58 -21.69
CA PHE B 311 48.80 54.13 -21.88
C PHE B 311 49.12 53.62 -23.28
N THR B 312 49.51 52.36 -23.31
CA THR B 312 49.83 51.66 -24.57
C THR B 312 49.00 50.38 -24.71
N TYR B 313 48.59 50.05 -25.92
CA TYR B 313 47.79 48.84 -26.10
C TYR B 313 48.13 48.16 -27.42
N ASP B 314 47.48 47.03 -27.67
CA ASP B 314 47.66 46.29 -28.91
C ASP B 314 46.53 46.50 -29.94
N GLU B 315 46.88 47.10 -31.08
CA GLU B 315 45.94 47.39 -32.17
C GLU B 315 45.77 46.22 -33.15
N GLY B 316 46.67 45.23 -33.05
CA GLY B 316 46.63 44.09 -33.94
C GLY B 316 48.05 43.81 -34.44
N GLY B 317 48.58 42.64 -34.07
CA GLY B 317 49.93 42.29 -34.45
C GLY B 317 50.93 43.05 -33.60
N GLY B 318 52.07 43.40 -34.20
CA GLY B 318 53.06 44.15 -33.46
C GLY B 318 52.50 45.54 -33.17
N LYS B 319 51.71 46.06 -34.12
CA LYS B 319 51.09 47.39 -34.02
C LYS B 319 50.75 47.87 -32.59
N THR B 320 51.57 48.76 -32.04
CA THR B 320 51.38 49.29 -30.68
C THR B 320 50.47 50.53 -30.58
N GLY B 321 49.30 50.36 -29.99
CA GLY B 321 48.37 51.47 -29.82
C GLY B 321 48.76 52.45 -28.72
N ARG B 322 48.26 53.68 -28.78
CA ARG B 322 48.60 54.71 -27.78
C ARG B 322 47.45 55.65 -27.39
N GLY B 323 47.37 56.03 -26.12
CA GLY B 323 46.33 56.94 -25.71
C GLY B 323 46.46 57.53 -24.32
N ALA B 324 45.62 58.53 -24.03
CA ALA B 324 45.65 59.16 -22.73
C ALA B 324 44.28 59.72 -22.41
N VAL B 325 43.77 59.44 -21.20
CA VAL B 325 42.48 59.95 -20.76
C VAL B 325 42.60 60.53 -19.36
N SER B 326 41.59 61.30 -18.99
CA SER B 326 41.50 61.90 -17.68
C SER B 326 41.18 60.71 -16.79
N GLU B 327 41.65 60.69 -15.55
CA GLU B 327 41.31 59.53 -14.72
C GLU B 327 39.80 59.48 -14.44
N LYS B 328 39.15 60.63 -14.56
CA LYS B 328 37.73 60.72 -14.34
C LYS B 328 36.92 59.90 -15.38
N ASP B 329 37.56 59.50 -16.48
CA ASP B 329 36.92 58.68 -17.52
C ASP B 329 37.74 57.42 -17.65
N ALA B 330 38.49 57.10 -16.61
CA ALA B 330 39.32 55.91 -16.64
C ALA B 330 38.61 54.75 -15.92
N PRO B 331 38.18 53.75 -16.69
CA PRO B 331 37.49 52.60 -16.10
C PRO B 331 38.22 52.08 -14.86
N LYS B 332 37.48 51.66 -13.85
CA LYS B 332 38.07 51.15 -12.61
C LYS B 332 39.13 50.07 -12.85
N GLU B 333 39.00 49.37 -13.97
CA GLU B 333 39.91 48.26 -14.30
C GLU B 333 41.27 48.75 -14.80
N LEU B 334 41.26 49.84 -15.54
CA LEU B 334 42.48 50.43 -16.05
C LEU B 334 43.25 50.97 -14.87
N LEU B 335 42.54 51.54 -13.90
CA LEU B 335 43.20 52.11 -12.74
C LEU B 335 43.86 51.06 -11.83
N GLN B 336 43.39 49.82 -11.90
CA GLN B 336 43.94 48.74 -11.08
C GLN B 336 45.30 48.33 -11.61
N MET B 337 45.49 48.53 -12.91
CA MET B 337 46.77 48.21 -13.52
C MET B 337 47.79 49.31 -13.19
N LEU B 338 47.29 50.48 -12.77
CA LEU B 338 48.19 51.57 -12.39
C LEU B 338 48.93 51.12 -11.14
N GLU B 339 48.19 51.00 -10.04
CA GLU B 339 48.74 50.59 -8.75
C GLU B 339 49.49 49.24 -8.82
N LYS B 340 48.98 48.36 -9.69
CA LYS B 340 49.57 47.04 -9.91
C LYS B 340 50.79 47.10 -10.83
N GLN B 341 51.28 48.32 -11.10
CA GLN B 341 52.46 48.57 -11.96
C GLN B 341 53.44 49.63 -11.40
N HIS C 6 -24.78 18.73 0.79
CA HIS C 6 -25.56 17.47 0.61
C HIS C 6 -27.07 17.67 0.80
N HIS C 7 -27.72 18.13 -0.27
CA HIS C 7 -29.17 18.38 -0.28
C HIS C 7 -30.01 17.33 -1.03
N HIS C 8 -29.37 16.20 -1.40
CA HIS C 8 -30.05 15.08 -2.09
C HIS C 8 -29.67 13.71 -1.52
N VAL C 9 -30.00 13.57 -0.25
CA VAL C 9 -29.74 12.36 0.50
C VAL C 9 -30.90 11.37 0.26
N ASP C 10 -30.55 10.15 -0.16
CA ASP C 10 -31.53 9.09 -0.40
C ASP C 10 -31.92 8.78 1.07
N ASP C 11 -33.10 9.25 1.48
CA ASP C 11 -33.55 9.04 2.87
C ASP C 11 -34.66 8.03 3.04
N ASP C 12 -35.29 7.64 1.93
CA ASP C 12 -36.36 6.66 1.99
C ASP C 12 -35.92 5.63 3.02
N ASP C 13 -36.79 5.27 3.93
CA ASP C 13 -36.38 4.28 4.90
C ASP C 13 -36.50 2.89 4.31
N LYS C 14 -37.51 2.68 3.48
CA LYS C 14 -37.68 1.36 2.89
C LYS C 14 -36.35 0.99 2.18
N MET C 15 -35.78 1.98 1.50
CA MET C 15 -34.54 1.84 0.77
C MET C 15 -33.35 1.56 1.75
N LEU C 16 -33.25 2.40 2.80
CA LEU C 16 -32.18 2.29 3.76
C LEU C 16 -32.21 0.97 4.44
N ALA C 17 -33.40 0.43 4.57
CA ALA C 17 -33.55 -0.85 5.20
C ALA C 17 -33.17 -1.96 4.23
N ALA C 18 -33.49 -1.74 2.95
CA ALA C 18 -33.17 -2.74 1.93
C ALA C 18 -31.63 -2.82 1.90
N GLU C 19 -31.02 -1.65 1.85
CA GLU C 19 -29.57 -1.56 1.84
C GLU C 19 -28.90 -2.30 3.01
N ALA C 20 -29.42 -2.05 4.20
CA ALA C 20 -28.90 -2.63 5.39
C ALA C 20 -29.09 -4.12 5.28
N ALA C 21 -30.21 -4.50 4.71
CA ALA C 21 -30.47 -5.91 4.59
C ALA C 21 -29.43 -6.57 3.69
N ASN C 22 -29.05 -5.86 2.63
CA ASN C 22 -28.14 -6.42 1.67
C ASN C 22 -26.76 -6.48 2.25
N ARG C 23 -26.42 -5.43 2.98
CA ARG C 23 -25.14 -5.30 3.64
C ARG C 23 -25.01 -6.40 4.64
N ASP C 24 -26.09 -6.65 5.34
CA ASP C 24 -26.00 -7.68 6.35
C ASP C 24 -25.84 -9.08 5.71
N HIS C 25 -26.51 -9.32 4.58
CA HIS C 25 -26.43 -10.62 3.88
C HIS C 25 -24.99 -10.80 3.28
N VAL C 26 -24.49 -9.80 2.60
CA VAL C 26 -23.17 -9.87 2.07
C VAL C 26 -22.12 -10.04 3.18
N THR C 27 -22.11 -9.18 4.19
CA THR C 27 -21.09 -9.34 5.24
C THR C 27 -21.19 -10.64 6.04
N ARG C 28 -22.36 -11.24 6.17
CA ARG C 28 -22.42 -12.48 6.93
C ARG C 28 -21.69 -13.57 6.12
N CYS C 29 -21.93 -13.50 4.81
CA CYS C 29 -21.32 -14.38 3.85
C CYS C 29 -19.78 -14.25 3.90
N VAL C 30 -19.26 -13.01 4.03
CA VAL C 30 -17.85 -12.78 4.07
C VAL C 30 -17.23 -13.39 5.30
N ALA C 31 -17.82 -13.09 6.46
CA ALA C 31 -17.36 -13.62 7.74
C ALA C 31 -17.35 -15.15 7.72
N GLN C 32 -18.41 -15.74 7.20
CA GLN C 32 -18.55 -17.19 7.08
C GLN C 32 -17.43 -17.82 6.26
N THR C 33 -16.89 -17.14 5.26
CA THR C 33 -15.78 -17.73 4.54
C THR C 33 -14.42 -17.50 5.18
N GLY C 34 -14.36 -16.74 6.27
CA GLY C 34 -13.06 -16.51 6.88
C GLY C 34 -12.51 -15.10 6.66
N GLY C 35 -13.31 -14.23 6.05
CA GLY C 35 -12.87 -12.88 5.82
C GLY C 35 -12.50 -12.16 7.10
N SER C 36 -11.63 -11.17 6.96
CA SER C 36 -11.14 -10.38 8.05
C SER C 36 -12.03 -9.17 8.36
N PRO C 37 -11.79 -8.55 9.51
CA PRO C 37 -12.57 -7.38 9.89
C PRO C 37 -12.39 -6.31 8.81
N ASP C 38 -11.22 -6.28 8.19
CA ASP C 38 -10.95 -5.32 7.12
C ASP C 38 -11.76 -5.57 5.84
N LEU C 39 -11.83 -6.83 5.44
CA LEU C 39 -12.59 -7.20 4.28
C LEU C 39 -14.09 -6.99 4.63
N VAL C 40 -14.48 -7.32 5.86
CA VAL C 40 -15.87 -7.07 6.23
C VAL C 40 -16.20 -5.60 6.21
N ALA C 41 -15.32 -4.75 6.69
CA ALA C 41 -15.60 -3.32 6.67
C ALA C 41 -15.63 -2.87 5.24
N HIS C 42 -14.64 -3.30 4.47
CA HIS C 42 -14.55 -2.92 3.04
C HIS C 42 -15.86 -3.26 2.27
N THR C 43 -16.37 -4.46 2.44
CA THR C 43 -17.61 -4.85 1.77
C THR C 43 -18.82 -4.02 2.22
N ALA C 44 -18.91 -3.73 3.52
CA ALA C 44 -20.01 -2.96 4.08
C ALA C 44 -19.98 -1.52 3.60
N ALA C 45 -18.81 -1.04 3.27
CA ALA C 45 -18.69 0.31 2.82
C ALA C 45 -19.21 0.49 1.41
N LEU C 46 -19.43 -0.58 0.68
CA LEU C 46 -19.89 -0.45 -0.70
C LEU C 46 -21.39 -0.03 -0.83
N ARG C 47 -21.73 1.12 -0.24
CA ARG C 47 -23.10 1.61 -0.21
C ARG C 47 -23.91 1.57 -1.49
N LEU C 48 -23.43 2.22 -2.55
CA LEU C 48 -24.16 2.25 -3.80
C LEU C 48 -24.36 0.87 -4.36
N TYR C 49 -23.35 0.04 -4.25
CA TYR C 49 -23.45 -1.31 -4.76
C TYR C 49 -24.47 -2.14 -4.00
N LEU C 50 -24.63 -1.91 -2.69
CA LEU C 50 -25.55 -2.71 -1.89
C LEU C 50 -26.94 -2.22 -2.02
N ARG C 51 -27.05 -0.96 -2.44
CA ARG C 51 -28.31 -0.28 -2.59
C ARG C 51 -28.93 -0.36 -3.99
N VAL C 52 -28.11 -0.33 -5.05
CA VAL C 52 -28.67 -0.36 -6.39
C VAL C 52 -29.63 -1.55 -6.68
N PRO C 53 -29.42 -2.71 -6.04
CA PRO C 53 -30.30 -3.88 -6.27
C PRO C 53 -31.73 -3.55 -5.83
N HIS C 54 -31.86 -2.72 -4.81
CA HIS C 54 -33.19 -2.29 -4.39
C HIS C 54 -33.87 -1.55 -5.56
N PHE C 55 -33.13 -0.71 -6.27
CA PHE C 55 -33.74 -0.04 -7.37
C PHE C 55 -34.13 -1.05 -8.46
N LEU C 56 -33.16 -1.91 -8.84
CA LEU C 56 -33.34 -2.91 -9.90
C LEU C 56 -34.57 -3.79 -9.72
N THR C 57 -34.89 -4.08 -8.46
CA THR C 57 -36.03 -4.90 -8.11
C THR C 57 -37.34 -4.13 -7.84
N GLU C 58 -37.46 -2.88 -8.28
CA GLU C 58 -38.70 -2.10 -8.04
C GLU C 58 -39.96 -2.74 -8.71
N TRP C 59 -39.79 -3.37 -9.86
CA TRP C 59 -40.90 -4.02 -10.52
C TRP C 59 -41.33 -5.31 -9.79
N THR C 60 -40.55 -5.84 -8.86
CA THR C 60 -41.02 -7.06 -8.21
C THR C 60 -42.02 -6.74 -7.11
N THR C 61 -43.25 -7.25 -7.27
CA THR C 61 -44.33 -6.94 -6.29
C THR C 61 -44.39 -7.68 -4.97
N ASP C 62 -44.10 -8.98 -4.97
CA ASP C 62 -44.11 -9.73 -3.73
C ASP C 62 -42.91 -9.28 -2.88
N PRO C 63 -43.15 -8.74 -1.69
CA PRO C 63 -42.01 -8.32 -0.84
C PRO C 63 -40.92 -9.36 -0.55
N ASP C 64 -41.28 -10.61 -0.28
CA ASP C 64 -40.24 -11.62 -0.01
C ASP C 64 -39.36 -11.95 -1.21
N ARG C 65 -39.98 -12.20 -2.35
CA ARG C 65 -39.17 -12.46 -3.50
C ARG C 65 -38.30 -11.23 -3.70
N ARG C 66 -38.84 -10.03 -3.56
CA ARG C 66 -38.06 -8.83 -3.73
C ARG C 66 -36.86 -8.79 -2.81
N ALA C 67 -37.04 -9.13 -1.54
CA ALA C 67 -35.88 -9.07 -0.65
C ALA C 67 -34.84 -10.07 -1.11
N ALA C 68 -35.29 -11.26 -1.49
CA ALA C 68 -34.40 -12.31 -1.91
C ALA C 68 -33.59 -11.94 -3.15
N VAL C 69 -34.23 -11.43 -4.18
CA VAL C 69 -33.54 -11.09 -5.42
C VAL C 69 -32.61 -9.97 -5.10
N SER C 70 -33.10 -9.06 -4.27
CA SER C 70 -32.27 -7.94 -3.95
C SER C 70 -30.93 -8.37 -3.30
N ARG C 71 -30.95 -9.21 -2.26
CA ARG C 71 -29.68 -9.54 -1.67
C ARG C 71 -28.79 -10.46 -2.51
N ALA C 72 -29.39 -11.30 -3.36
CA ALA C 72 -28.66 -12.21 -4.26
C ALA C 72 -27.89 -11.37 -5.28
N LEU C 73 -28.52 -10.33 -5.83
CA LEU C 73 -27.84 -9.49 -6.78
C LEU C 73 -26.69 -8.81 -6.04
N ALA C 74 -26.93 -8.48 -4.78
CA ALA C 74 -25.89 -7.81 -4.00
C ALA C 74 -24.64 -8.69 -3.83
N LEU C 75 -24.82 -9.99 -3.56
CA LEU C 75 -23.71 -10.92 -3.44
C LEU C 75 -22.85 -10.84 -4.71
N ASP C 76 -23.50 -10.74 -5.87
CA ASP C 76 -22.71 -10.77 -7.08
C ASP C 76 -22.04 -9.47 -7.48
N ILE C 77 -22.78 -8.38 -7.39
CA ILE C 77 -22.24 -7.09 -7.69
C ILE C 77 -21.01 -6.90 -6.76
N VAL C 78 -21.11 -7.28 -5.49
CA VAL C 78 -19.99 -7.11 -4.60
C VAL C 78 -18.78 -7.98 -5.04
N SER C 79 -19.06 -9.22 -5.38
CA SER C 79 -18.09 -10.19 -5.85
C SER C 79 -17.27 -9.61 -6.98
N MET C 80 -17.96 -9.04 -7.97
CA MET C 80 -17.35 -8.43 -9.14
C MET C 80 -16.55 -7.21 -8.72
N LYS C 81 -17.08 -6.48 -7.76
CA LYS C 81 -16.33 -5.36 -7.27
C LYS C 81 -15.00 -5.85 -6.61
N LEU C 82 -15.01 -7.00 -5.96
CA LEU C 82 -13.81 -7.50 -5.33
C LEU C 82 -12.85 -7.96 -6.46
N LEU C 83 -13.40 -8.55 -7.52
CA LEU C 83 -12.57 -9.00 -8.64
C LEU C 83 -11.87 -7.79 -9.19
N ASP C 84 -12.61 -6.67 -9.34
CA ASP C 84 -11.99 -5.43 -9.80
C ASP C 84 -10.92 -4.92 -8.81
N ASP C 85 -11.11 -5.14 -7.52
CA ASP C 85 -10.09 -4.73 -6.54
C ASP C 85 -8.84 -5.61 -6.62
N LEU C 86 -9.03 -6.86 -7.03
CA LEU C 86 -7.94 -7.81 -7.26
C LEU C 86 -7.16 -7.36 -8.52
N MET C 87 -7.79 -6.77 -9.51
CA MET C 87 -7.01 -6.30 -10.68
C MET C 87 -6.08 -5.13 -10.28
N ASP C 88 -6.69 -4.10 -9.72
CA ASP C 88 -5.95 -2.91 -9.31
C ASP C 88 -4.84 -3.17 -8.31
N ASP C 89 -5.04 -4.15 -7.44
CA ASP C 89 -4.05 -4.50 -6.41
C ASP C 89 -3.58 -3.35 -5.48
N ASP C 90 -4.49 -2.44 -5.16
CA ASP C 90 -4.14 -1.31 -4.31
C ASP C 90 -5.15 -1.04 -3.14
N THR C 91 -5.95 -2.02 -2.75
CA THR C 91 -6.87 -1.77 -1.66
C THR C 91 -6.15 -1.97 -0.37
N GLY C 92 -5.02 -2.64 -0.44
CA GLY C 92 -4.29 -2.89 0.77
C GLY C 92 -4.73 -4.25 1.32
N LEU C 93 -5.94 -4.67 1.03
CA LEU C 93 -6.43 -5.96 1.47
C LEU C 93 -5.53 -7.11 0.98
N ASP C 94 -5.55 -8.23 1.68
CA ASP C 94 -4.74 -9.39 1.31
C ASP C 94 -5.33 -10.06 0.06
N ARG C 95 -4.53 -10.27 -0.97
CA ARG C 95 -5.03 -10.84 -2.19
C ARG C 95 -5.68 -12.18 -2.02
N VAL C 96 -5.23 -13.00 -1.07
CA VAL C 96 -5.83 -14.31 -0.89
C VAL C 96 -7.30 -14.22 -0.39
N GLU C 97 -7.60 -13.39 0.60
CA GLU C 97 -9.00 -13.26 1.06
C GLU C 97 -9.79 -12.65 -0.09
N LEU C 98 -9.26 -11.60 -0.69
CA LEU C 98 -10.01 -10.97 -1.73
C LEU C 98 -10.46 -12.04 -2.70
N ALA C 99 -9.52 -12.82 -3.20
CA ALA C 99 -9.84 -13.82 -4.19
C ALA C 99 -10.78 -14.89 -3.71
N CYS C 100 -10.58 -15.36 -2.49
CA CYS C 100 -11.40 -16.44 -2.03
C CYS C 100 -12.81 -16.02 -1.68
N VAL C 101 -12.97 -14.83 -1.13
CA VAL C 101 -14.29 -14.33 -0.80
C VAL C 101 -15.02 -13.93 -2.09
N CYS C 102 -14.30 -13.41 -3.08
CA CYS C 102 -14.89 -13.01 -4.35
C CYS C 102 -15.54 -14.24 -4.96
N LEU C 103 -14.81 -15.33 -5.08
CA LEU C 103 -15.43 -16.56 -5.65
C LEU C 103 -16.63 -17.07 -4.80
N ARG C 104 -16.47 -17.09 -3.48
CA ARG C 104 -17.50 -17.60 -2.60
C ARG C 104 -18.81 -16.79 -2.72
N LEU C 105 -18.73 -15.46 -2.69
CA LEU C 105 -19.92 -14.60 -2.87
C LEU C 105 -20.58 -14.89 -4.19
N HIS C 106 -19.75 -14.92 -5.24
CA HIS C 106 -20.21 -15.21 -6.56
C HIS C 106 -20.93 -16.54 -6.63
N LEU C 107 -20.31 -17.62 -6.11
CA LEU C 107 -21.02 -18.91 -6.17
C LEU C 107 -22.35 -18.85 -5.36
N ARG C 108 -22.37 -18.09 -4.27
CA ARG C 108 -23.62 -17.97 -3.52
C ARG C 108 -24.62 -17.22 -4.39
N ALA C 109 -24.17 -16.15 -5.05
CA ALA C 109 -25.11 -15.41 -5.90
C ALA C 109 -25.82 -16.29 -6.94
N LEU C 110 -25.05 -17.15 -7.61
CA LEU C 110 -25.57 -18.02 -8.65
C LEU C 110 -26.60 -18.97 -8.10
N HIS C 111 -26.30 -19.53 -6.94
CA HIS C 111 -27.25 -20.43 -6.35
C HIS C 111 -28.57 -19.70 -5.96
N GLU C 112 -28.46 -18.50 -5.37
CA GLU C 112 -29.66 -17.79 -4.94
C GLU C 112 -30.48 -17.28 -6.12
N LEU C 113 -29.80 -16.79 -7.17
CA LEU C 113 -30.52 -16.27 -8.35
C LEU C 113 -31.21 -17.42 -9.04
N GLU C 114 -30.52 -18.56 -9.05
CA GLU C 114 -31.08 -19.72 -9.72
C GLU C 114 -32.21 -20.31 -8.95
N SER C 115 -32.22 -20.10 -7.63
CA SER C 115 -33.34 -20.64 -6.88
C SER C 115 -34.59 -19.74 -7.07
N LEU C 116 -34.43 -18.54 -7.62
CA LEU C 116 -35.53 -17.58 -7.85
C LEU C 116 -36.00 -17.45 -9.27
N ALA C 117 -35.13 -17.78 -10.21
CA ALA C 117 -35.45 -17.67 -11.64
C ALA C 117 -36.60 -18.58 -12.06
N ARG C 118 -37.47 -18.08 -12.95
CA ARG C 118 -38.58 -18.89 -13.41
C ARG C 118 -37.89 -20.02 -14.12
N ASP C 119 -36.94 -19.64 -14.97
CA ASP C 119 -36.09 -20.55 -15.71
C ASP C 119 -34.62 -20.38 -15.22
N PRO C 120 -34.12 -21.36 -14.42
CA PRO C 120 -32.74 -21.26 -13.92
C PRO C 120 -31.72 -20.93 -15.01
N LYS C 121 -31.80 -21.62 -16.16
CA LYS C 121 -30.90 -21.36 -17.28
C LYS C 121 -30.81 -19.87 -17.70
N ALA C 122 -31.89 -19.13 -17.50
CA ALA C 122 -31.87 -17.73 -17.85
C ALA C 122 -30.67 -17.04 -17.15
N VAL C 123 -30.32 -17.52 -15.96
CA VAL C 123 -29.22 -16.89 -15.24
C VAL C 123 -27.92 -17.02 -16.01
N THR C 124 -27.53 -18.22 -16.40
CA THR C 124 -26.29 -18.35 -17.15
C THR C 124 -26.46 -17.84 -18.57
N ASP C 125 -27.69 -17.77 -19.07
CA ASP C 125 -27.86 -17.19 -20.42
C ASP C 125 -27.51 -15.74 -20.34
N ILE C 126 -27.91 -15.07 -19.27
CA ILE C 126 -27.62 -13.66 -19.15
C ILE C 126 -26.13 -13.40 -18.90
N LEU C 127 -25.51 -14.17 -18.03
CA LEU C 127 -24.12 -13.94 -17.73
C LEU C 127 -23.25 -14.18 -18.91
N GLU C 128 -23.63 -15.11 -19.79
CA GLU C 128 -22.79 -15.40 -20.96
C GLU C 128 -23.07 -14.57 -22.23
N GLN C 129 -24.34 -14.27 -22.55
CA GLN C 129 -24.66 -13.50 -23.77
C GLN C 129 -23.72 -12.31 -24.00
N ASP C 130 -23.39 -11.53 -22.96
CA ASP C 130 -22.45 -10.48 -23.27
C ASP C 130 -21.18 -10.52 -22.43
N ALA C 131 -20.75 -11.72 -22.09
CA ALA C 131 -19.54 -11.89 -21.30
C ALA C 131 -18.28 -11.37 -22.00
N VAL C 132 -18.20 -11.57 -23.31
CA VAL C 132 -17.02 -11.09 -24.04
C VAL C 132 -17.04 -9.61 -24.10
N HIS C 133 -18.20 -9.05 -24.33
CA HIS C 133 -18.31 -7.63 -24.42
C HIS C 133 -17.88 -7.01 -23.10
N LEU C 134 -18.35 -7.56 -21.98
CA LEU C 134 -17.98 -7.03 -20.68
C LEU C 134 -16.52 -7.37 -20.27
N CYS C 135 -16.08 -8.64 -20.45
CA CYS C 135 -14.76 -9.03 -20.05
C CYS C 135 -13.72 -8.42 -20.91
N GLY C 136 -13.96 -8.44 -22.22
CA GLY C 136 -12.99 -7.85 -23.13
C GLY C 136 -13.01 -6.33 -22.96
N GLY C 137 -14.21 -5.79 -22.73
CA GLY C 137 -14.41 -4.38 -22.53
C GLY C 137 -13.62 -3.87 -21.38
N GLN C 138 -13.68 -4.56 -20.26
CA GLN C 138 -12.92 -4.07 -19.12
C GLN C 138 -11.43 -4.01 -19.37
N ILE C 139 -10.87 -4.99 -20.08
CA ILE C 139 -9.43 -4.93 -20.36
C ILE C 139 -9.16 -3.62 -21.11
N ARG C 140 -9.97 -3.35 -22.16
CA ARG C 140 -9.77 -2.10 -22.91
C ARG C 140 -9.84 -0.89 -21.97
N THR C 141 -10.95 -0.73 -21.26
CA THR C 141 -11.01 0.44 -20.46
C THR C 141 -9.96 0.53 -19.37
N LYS C 142 -9.62 -0.57 -18.70
CA LYS C 142 -8.57 -0.42 -17.69
C LYS C 142 -7.20 -0.09 -18.38
N ARG C 143 -7.10 -0.26 -19.71
CA ARG C 143 -5.82 -0.02 -20.37
C ARG C 143 -5.70 1.10 -21.38
N SER C 144 -6.71 1.97 -21.45
CA SER C 144 -6.70 3.11 -22.37
C SER C 144 -7.08 4.33 -21.58
N ARG C 145 -6.82 5.51 -22.12
CA ARG C 145 -7.23 6.69 -21.39
C ARG C 145 -8.26 7.39 -22.26
N ALA C 146 -9.19 8.07 -21.62
CA ALA C 146 -10.24 8.77 -22.35
C ALA C 146 -9.70 10.19 -22.53
N THR C 147 -9.80 10.71 -23.74
CA THR C 147 -9.28 12.04 -24.01
C THR C 147 -10.36 13.07 -24.26
N ASN C 148 -11.54 12.58 -24.64
CA ASN C 148 -12.70 13.43 -24.93
C ASN C 148 -13.95 12.72 -24.44
N LEU C 149 -15.11 13.33 -24.64
CA LEU C 149 -16.34 12.76 -24.14
C LEU C 149 -16.75 11.42 -24.72
N ARG C 150 -16.65 11.29 -26.04
CA ARG C 150 -17.04 10.08 -26.78
C ARG C 150 -16.33 8.87 -26.18
N GLU C 151 -15.04 9.03 -25.92
CA GLU C 151 -14.25 7.97 -25.34
C GLU C 151 -14.60 7.73 -23.88
N TRP C 152 -14.79 8.83 -23.14
CA TRP C 152 -15.15 8.76 -21.72
C TRP C 152 -16.42 7.89 -21.68
N ARG C 153 -17.34 8.18 -22.61
CA ARG C 153 -18.62 7.48 -22.73
C ARG C 153 -18.45 5.98 -23.00
N ALA C 154 -17.55 5.67 -23.92
CA ALA C 154 -17.28 4.28 -24.23
C ALA C 154 -16.68 3.54 -23.03
N HIS C 155 -15.80 4.17 -22.27
CA HIS C 155 -15.25 3.49 -21.10
C HIS C 155 -16.32 3.32 -20.01
N ALA C 156 -17.12 4.35 -19.76
CA ALA C 156 -18.19 4.25 -18.78
C ALA C 156 -19.21 3.17 -19.25
N SER C 157 -19.38 3.05 -20.56
CA SER C 157 -20.32 2.06 -21.09
C SER C 157 -20.08 0.63 -20.64
N THR C 158 -18.83 0.29 -20.27
CA THR C 158 -18.51 -1.04 -19.81
C THR C 158 -18.44 -1.17 -18.29
N TYR C 159 -17.65 -0.38 -17.57
CA TYR C 159 -17.67 -0.61 -16.12
C TYR C 159 -18.97 -0.06 -15.48
N GLY C 160 -19.76 0.65 -16.28
CA GLY C 160 -21.00 1.19 -15.81
C GLY C 160 -22.21 0.47 -16.37
N SER C 161 -22.64 0.95 -17.53
CA SER C 161 -23.82 0.44 -18.22
C SER C 161 -23.90 -1.00 -18.40
N THR C 162 -22.89 -1.61 -19.03
CA THR C 162 -23.00 -3.05 -19.27
C THR C 162 -22.94 -3.86 -18.01
N PHE C 163 -22.01 -3.49 -17.15
CA PHE C 163 -21.91 -4.18 -15.89
C PHE C 163 -23.29 -4.20 -15.19
N LEU C 164 -23.90 -3.01 -14.98
CA LEU C 164 -25.16 -2.97 -14.24
C LEU C 164 -26.37 -3.45 -15.03
N GLY C 165 -26.29 -3.30 -16.35
CA GLY C 165 -27.36 -3.76 -17.19
C GLY C 165 -27.54 -5.24 -16.98
N ARG C 166 -26.45 -5.97 -16.79
CA ARG C 166 -26.65 -7.40 -16.65
C ARG C 166 -27.49 -7.70 -15.44
N TYR C 167 -27.29 -6.94 -14.38
CA TYR C 167 -28.07 -7.17 -13.18
C TYR C 167 -29.53 -6.76 -13.42
N GLY C 168 -29.72 -5.78 -14.33
CA GLY C 168 -31.06 -5.33 -14.69
C GLY C 168 -31.78 -6.54 -15.23
N ALA C 169 -31.19 -7.23 -16.21
CA ALA C 169 -31.81 -8.45 -16.79
C ALA C 169 -32.00 -9.58 -15.73
N LEU C 170 -31.01 -9.81 -14.88
CA LEU C 170 -31.18 -10.84 -13.88
C LEU C 170 -32.36 -10.53 -12.97
N ALA C 171 -32.50 -9.25 -12.57
CA ALA C 171 -33.62 -8.87 -11.70
C ALA C 171 -34.93 -9.24 -12.37
N ALA C 172 -35.09 -8.93 -13.67
CA ALA C 172 -36.34 -9.27 -14.38
C ALA C 172 -36.49 -10.79 -14.47
N ALA C 173 -35.43 -11.54 -14.80
CA ALA C 173 -35.61 -13.00 -14.83
C ALA C 173 -35.87 -13.64 -13.46
N CYS C 174 -35.60 -12.92 -12.38
CA CYS C 174 -35.81 -13.50 -11.06
C CYS C 174 -36.99 -12.84 -10.37
N GLY C 175 -37.44 -11.73 -10.93
CA GLY C 175 -38.54 -10.98 -10.36
C GLY C 175 -39.85 -11.69 -10.39
N GLY C 176 -40.09 -12.48 -11.40
CA GLY C 176 -41.37 -13.14 -11.45
C GLY C 176 -42.26 -12.44 -12.46
N GLU C 177 -43.57 -12.54 -12.27
CA GLU C 177 -44.51 -12.00 -13.23
C GLU C 177 -44.54 -10.53 -13.61
N GLY C 178 -44.66 -10.33 -14.92
CA GLY C 178 -44.76 -9.00 -15.47
C GLY C 178 -43.60 -8.06 -15.26
N GLN C 179 -42.44 -8.44 -15.78
CA GLN C 179 -41.33 -7.53 -15.65
C GLN C 179 -40.97 -7.23 -17.06
N PRO C 180 -41.03 -5.96 -17.42
CA PRO C 180 -40.69 -5.50 -18.77
C PRO C 180 -39.15 -5.51 -18.88
N ALA C 181 -38.63 -6.72 -19.05
CA ALA C 181 -37.19 -6.96 -19.11
C ALA C 181 -36.34 -5.95 -19.90
N ASP C 182 -36.73 -5.60 -21.12
CA ASP C 182 -35.93 -4.63 -21.82
C ASP C 182 -35.85 -3.29 -21.10
N SER C 183 -36.92 -2.91 -20.44
CA SER C 183 -36.90 -1.63 -19.74
C SER C 183 -36.14 -1.67 -18.40
N VAL C 184 -36.25 -2.79 -17.68
CA VAL C 184 -35.50 -2.95 -16.43
C VAL C 184 -34.02 -2.76 -16.79
N ARG C 185 -33.61 -3.36 -17.89
CA ARG C 185 -32.24 -3.26 -18.31
C ARG C 185 -31.91 -1.83 -18.77
N GLU C 186 -32.84 -1.26 -19.53
CA GLU C 186 -32.68 0.09 -20.05
C GLU C 186 -32.51 1.01 -18.89
N PHE C 187 -33.28 0.81 -17.84
CA PHE C 187 -33.16 1.66 -16.65
C PHE C 187 -31.80 1.54 -16.05
N ALA C 188 -31.43 0.29 -15.79
CA ALA C 188 -30.13 0.03 -15.18
C ALA C 188 -28.97 0.60 -16.05
N GLU C 189 -29.05 0.47 -17.38
CA GLU C 189 -27.95 0.99 -18.18
C GLU C 189 -27.88 2.49 -18.11
N ALA C 190 -29.04 3.15 -18.12
CA ALA C 190 -28.97 4.60 -18.07
C ALA C 190 -28.59 5.05 -16.67
N PHE C 191 -29.20 4.45 -15.66
CA PHE C 191 -28.90 4.87 -14.29
C PHE C 191 -27.44 4.69 -13.95
N ALA C 192 -26.84 3.60 -14.41
CA ALA C 192 -25.42 3.36 -14.10
C ALA C 192 -24.52 4.51 -14.58
N MET C 193 -24.78 4.93 -15.80
CA MET C 193 -23.96 6.00 -16.36
C MET C 193 -24.10 7.34 -15.59
N THR C 194 -25.30 7.61 -15.07
CA THR C 194 -25.49 8.85 -14.30
C THR C 194 -24.60 8.79 -13.04
N ILE C 195 -24.64 7.63 -12.37
CA ILE C 195 -23.83 7.34 -11.19
C ILE C 195 -22.33 7.53 -11.52
N THR C 196 -21.90 7.02 -12.68
CA THR C 196 -20.54 7.13 -13.13
C THR C 196 -20.09 8.59 -13.29
N MET C 197 -20.89 9.43 -13.94
CA MET C 197 -20.51 10.84 -14.05
C MET C 197 -20.39 11.46 -12.64
N ALA C 198 -21.27 11.06 -11.73
CA ALA C 198 -21.22 11.59 -10.36
C ALA C 198 -19.87 11.27 -9.70
N ASP C 199 -19.44 10.02 -9.90
CA ASP C 199 -18.15 9.49 -9.45
C ASP C 199 -16.99 10.37 -9.87
N ASP C 200 -16.82 10.46 -11.17
CA ASP C 200 -15.77 11.27 -11.71
C ASP C 200 -15.87 12.73 -11.20
N LEU C 201 -17.07 13.30 -11.16
CA LEU C 201 -17.14 14.67 -10.72
C LEU C 201 -16.70 14.80 -9.27
N THR C 202 -17.01 13.79 -8.47
CA THR C 202 -16.64 13.81 -7.06
C THR C 202 -15.14 13.60 -6.84
N ASP C 203 -14.61 12.52 -7.42
CA ASP C 203 -13.23 12.15 -7.26
C ASP C 203 -12.25 13.23 -7.63
N TYR C 204 -12.53 14.02 -8.66
CA TYR C 204 -11.58 15.06 -9.03
C TYR C 204 -11.10 15.78 -7.78
N ASP C 205 -12.02 16.08 -6.88
CA ASP C 205 -11.68 16.75 -5.63
C ASP C 205 -11.41 15.84 -4.45
N ARG C 206 -11.85 14.61 -4.55
CA ARG C 206 -11.65 13.73 -3.45
C ARG C 206 -10.29 13.02 -3.45
N ASN C 207 -9.86 12.54 -4.62
CA ASN C 207 -8.59 11.82 -4.81
C ASN C 207 -7.71 12.56 -5.70
N GLY C 208 -8.11 13.76 -6.12
CA GLY C 208 -7.27 14.49 -7.06
C GLY C 208 -7.07 13.74 -8.38
N GLU C 209 -8.12 13.01 -8.82
CA GLU C 209 -8.07 12.19 -10.05
C GLU C 209 -7.92 13.09 -11.29
N ARG C 210 -7.07 12.71 -12.23
CA ARG C 210 -6.93 13.55 -13.40
C ARG C 210 -7.08 12.81 -14.76
N ASP C 211 -6.21 11.86 -15.06
CA ASP C 211 -6.28 11.13 -16.36
C ASP C 211 -7.64 10.52 -16.68
N GLY C 212 -8.21 10.90 -17.82
CA GLY C 212 -9.50 10.37 -18.22
C GLY C 212 -10.67 10.74 -17.32
N ASN C 213 -10.43 11.52 -16.29
CA ASN C 213 -11.50 11.92 -15.37
C ASN C 213 -12.39 13.00 -15.99
N LEU C 214 -13.70 12.75 -15.99
CA LEU C 214 -14.61 13.71 -16.63
C LEU C 214 -14.46 15.21 -16.23
N ALA C 215 -14.28 15.55 -14.95
CA ALA C 215 -14.14 16.96 -14.60
C ALA C 215 -12.88 17.54 -15.15
N HIS C 216 -11.85 16.72 -15.21
CA HIS C 216 -10.57 17.17 -15.71
C HIS C 216 -10.61 17.37 -17.23
N LEU C 217 -11.38 16.54 -17.94
CA LEU C 217 -11.49 16.65 -19.38
C LEU C 217 -12.26 17.95 -19.60
N MET C 218 -13.18 18.25 -18.69
CA MET C 218 -13.93 19.49 -18.79
C MET C 218 -12.99 20.71 -18.63
N ARG C 219 -12.27 20.75 -17.52
CA ARG C 219 -11.39 21.86 -17.27
C ARG C 219 -10.28 22.10 -18.25
N THR C 220 -9.95 21.17 -19.12
CA THR C 220 -8.89 21.44 -20.06
C THR C 220 -9.45 21.76 -21.46
N GLY C 221 -10.76 21.85 -21.59
CA GLY C 221 -11.34 22.16 -22.87
C GLY C 221 -11.58 20.94 -23.77
N ALA C 222 -11.20 19.77 -23.26
CA ALA C 222 -11.38 18.50 -23.98
C ALA C 222 -12.89 18.13 -24.00
N VAL C 223 -13.60 18.53 -22.95
CA VAL C 223 -15.00 18.21 -22.91
C VAL C 223 -15.74 19.50 -22.71
N ALA C 224 -16.75 19.68 -23.55
CA ALA C 224 -17.55 20.89 -23.51
C ALA C 224 -18.59 20.81 -22.36
N GLY C 225 -18.63 21.87 -21.55
CA GLY C 225 -19.59 21.92 -20.45
C GLY C 225 -21.01 21.46 -20.83
N GLN C 226 -21.51 22.03 -21.93
CA GLN C 226 -22.85 21.76 -22.47
C GLN C 226 -23.09 20.32 -22.86
N ASP C 227 -22.11 19.72 -23.50
CA ASP C 227 -22.23 18.32 -23.93
C ASP C 227 -22.49 17.41 -22.73
N VAL C 228 -21.89 17.77 -21.58
CA VAL C 228 -22.02 17.05 -20.32
C VAL C 228 -23.41 17.26 -19.73
N VAL C 229 -23.92 18.49 -19.81
CA VAL C 229 -25.27 18.79 -19.30
C VAL C 229 -26.27 18.02 -20.17
N ASP C 230 -25.99 17.94 -21.48
CA ASP C 230 -26.86 17.22 -22.42
C ASP C 230 -26.89 15.71 -22.15
N LEU C 231 -25.74 15.10 -21.92
CA LEU C 231 -25.62 13.68 -21.60
C LEU C 231 -26.44 13.49 -20.33
N LEU C 232 -26.29 14.40 -19.38
CA LEU C 232 -27.08 14.27 -18.16
C LEU C 232 -28.61 14.27 -18.43
N GLU C 233 -29.12 15.25 -19.20
CA GLU C 233 -30.57 15.31 -19.49
C GLU C 233 -30.97 14.00 -20.24
N GLU C 234 -30.10 13.55 -21.15
CA GLU C 234 -30.35 12.33 -21.94
C GLU C 234 -30.46 11.06 -21.06
N LEU C 235 -29.56 10.91 -20.09
CA LEU C 235 -29.62 9.74 -19.26
C LEU C 235 -30.84 9.83 -18.42
N ARG C 236 -31.16 11.01 -17.90
CA ARG C 236 -32.36 11.11 -17.09
C ARG C 236 -33.57 10.71 -17.95
N GLY C 237 -33.64 11.22 -19.18
CA GLY C 237 -34.75 10.86 -20.08
C GLY C 237 -34.88 9.36 -20.33
N ARG C 238 -33.78 8.69 -20.72
CA ARG C 238 -33.80 7.21 -20.93
C ARG C 238 -34.34 6.58 -19.64
N ALA C 239 -33.80 6.98 -18.50
CA ALA C 239 -34.25 6.43 -17.24
C ALA C 239 -35.77 6.61 -17.03
N LEU C 240 -36.22 7.86 -17.13
CA LEU C 240 -37.64 8.15 -16.95
C LEU C 240 -38.49 7.30 -17.92
N ALA C 241 -38.17 7.30 -19.22
CA ALA C 241 -38.98 6.49 -20.16
C ALA C 241 -39.03 5.02 -19.78
N ALA C 242 -37.91 4.51 -19.28
CA ALA C 242 -37.85 3.09 -18.95
C ALA C 242 -38.71 2.66 -17.79
N VAL C 243 -38.71 3.44 -16.73
CA VAL C 243 -39.52 3.09 -15.56
C VAL C 243 -41.00 3.42 -15.86
N ALA C 244 -41.24 3.99 -17.06
CA ALA C 244 -42.62 4.30 -17.51
C ALA C 244 -43.20 3.15 -18.31
N ALA C 245 -42.44 2.58 -19.25
CA ALA C 245 -42.89 1.41 -20.02
C ALA C 245 -43.69 0.49 -19.10
N PRO C 246 -44.89 0.11 -19.53
CA PRO C 246 -45.85 -0.75 -18.82
C PRO C 246 -45.26 -2.06 -18.39
N PRO C 247 -45.62 -2.52 -17.19
CA PRO C 247 -46.56 -1.86 -16.27
C PRO C 247 -45.97 -0.74 -15.41
N GLY C 248 -44.84 -0.17 -15.84
CA GLY C 248 -44.24 0.93 -15.08
C GLY C 248 -43.78 0.62 -13.66
N ALA C 249 -42.79 1.39 -13.20
CA ALA C 249 -42.18 1.28 -11.85
C ALA C 249 -42.06 2.72 -11.41
N PRO C 250 -43.21 3.30 -11.01
CA PRO C 250 -43.36 4.68 -10.56
C PRO C 250 -42.52 5.00 -9.35
N GLY C 251 -42.34 4.07 -8.43
CA GLY C 251 -41.45 4.42 -7.31
C GLY C 251 -40.03 4.88 -7.77
N LEU C 252 -39.54 4.43 -8.93
CA LEU C 252 -38.22 4.85 -9.36
C LEU C 252 -38.08 6.30 -9.87
N VAL C 253 -39.20 6.99 -10.13
CA VAL C 253 -39.13 8.37 -10.62
C VAL C 253 -38.45 9.35 -9.65
N PRO C 254 -38.86 9.38 -8.37
CA PRO C 254 -38.12 10.34 -7.52
C PRO C 254 -36.61 9.93 -7.33
N VAL C 255 -36.32 8.63 -7.50
CA VAL C 255 -34.95 8.15 -7.38
C VAL C 255 -34.16 8.66 -8.56
N VAL C 256 -34.72 8.56 -9.77
CA VAL C 256 -34.02 9.05 -10.92
C VAL C 256 -33.76 10.54 -10.75
N HIS C 257 -34.78 11.29 -10.32
CA HIS C 257 -34.59 12.73 -10.12
C HIS C 257 -33.64 12.94 -8.97
N LEU C 258 -33.76 12.17 -7.89
CA LEU C 258 -32.83 12.38 -6.79
C LEU C 258 -31.30 12.37 -7.21
N TYR C 259 -30.85 11.36 -7.93
CA TYR C 259 -29.46 11.29 -8.38
C TYR C 259 -29.05 12.30 -9.46
N THR C 260 -29.98 12.66 -10.35
CA THR C 260 -29.63 13.62 -11.38
C THR C 260 -29.58 15.02 -10.73
N ASP C 261 -30.55 15.35 -9.90
CA ASP C 261 -30.57 16.68 -9.27
C ASP C 261 -29.28 16.90 -8.50
N ASP C 262 -28.82 15.83 -7.86
CA ASP C 262 -27.58 15.87 -7.06
C ASP C 262 -26.35 16.20 -7.88
N VAL C 263 -26.20 15.55 -9.03
CA VAL C 263 -25.10 15.87 -9.91
C VAL C 263 -25.30 17.33 -10.36
N LEU C 264 -26.54 17.71 -10.71
CA LEU C 264 -26.78 19.06 -11.16
C LEU C 264 -26.47 20.15 -10.13
N VAL C 265 -26.85 19.93 -8.88
CA VAL C 265 -26.68 20.94 -7.84
C VAL C 265 -25.37 20.96 -7.06
N ARG C 266 -24.84 19.79 -6.71
CA ARG C 266 -23.66 19.76 -5.89
C ARG C 266 -22.37 19.45 -6.64
N LEU C 267 -22.43 18.56 -7.61
CA LEU C 267 -21.24 18.21 -8.33
C LEU C 267 -20.93 19.01 -9.62
N LEU C 268 -21.89 19.31 -10.47
CA LEU C 268 -21.56 19.99 -11.72
C LEU C 268 -21.18 21.47 -11.72
N PRO C 269 -21.81 22.28 -10.88
CA PRO C 269 -21.51 23.73 -10.85
C PRO C 269 -20.04 24.09 -10.79
N ARG C 270 -19.34 23.54 -9.79
CA ARG C 270 -17.90 23.74 -9.59
C ARG C 270 -17.13 23.70 -10.89
N HIS C 271 -17.27 22.62 -11.64
CA HIS C 271 -16.52 22.44 -12.88
C HIS C 271 -17.05 23.09 -14.12
N LEU C 272 -18.24 23.68 -14.05
CA LEU C 272 -18.82 24.32 -15.23
C LEU C 272 -18.12 25.61 -15.53
N GLY C 273 -17.54 26.19 -14.47
CA GLY C 273 -16.74 27.40 -14.57
C GLY C 273 -15.45 26.92 -15.23
N GLU C 274 -14.50 26.43 -14.42
CA GLU C 274 -13.20 25.92 -14.90
C GLU C 274 -12.08 26.29 -13.92
N ASP D 11 -5.45 -44.82 -27.93
CA ASP D 11 -5.91 -44.79 -26.50
C ASP D 11 -5.12 -43.77 -25.65
N ASP D 12 -3.81 -43.79 -25.86
CA ASP D 12 -2.93 -42.85 -25.21
C ASP D 12 -3.15 -41.72 -26.20
N ASP D 13 -3.66 -42.10 -27.35
CA ASP D 13 -3.96 -41.18 -28.40
C ASP D 13 -5.24 -40.48 -27.99
N LYS D 14 -6.25 -41.27 -27.65
CA LYS D 14 -7.54 -40.75 -27.25
C LYS D 14 -7.41 -39.59 -26.24
N MET D 15 -6.61 -39.79 -25.22
CA MET D 15 -6.41 -38.81 -24.22
C MET D 15 -5.69 -37.59 -24.82
N LEU D 16 -4.59 -37.80 -25.54
CA LEU D 16 -3.89 -36.69 -26.16
C LEU D 16 -4.81 -35.91 -27.07
N ALA D 17 -5.61 -36.60 -27.87
CA ALA D 17 -6.52 -35.83 -28.71
C ALA D 17 -7.46 -35.00 -27.79
N ALA D 18 -7.96 -35.60 -26.71
CA ALA D 18 -8.90 -34.89 -25.84
C ALA D 18 -8.21 -33.70 -25.19
N GLU D 19 -6.96 -33.89 -24.79
CA GLU D 19 -6.18 -32.83 -24.18
C GLU D 19 -6.02 -31.70 -25.20
N ALA D 20 -5.75 -32.06 -26.44
CA ALA D 20 -5.55 -31.09 -27.47
C ALA D 20 -6.85 -30.35 -27.76
N ALA D 21 -7.97 -31.05 -27.80
CA ALA D 21 -9.19 -30.29 -28.08
C ALA D 21 -9.54 -29.36 -26.91
N ASN D 22 -9.23 -29.75 -25.68
CA ASN D 22 -9.55 -28.92 -24.56
C ASN D 22 -8.66 -27.68 -24.66
N ARG D 23 -7.39 -27.93 -25.00
CA ARG D 23 -6.40 -26.83 -25.15
C ARG D 23 -6.95 -25.79 -26.14
N ASP D 24 -7.47 -26.30 -27.25
CA ASP D 24 -7.96 -25.44 -28.26
C ASP D 24 -9.22 -24.72 -27.86
N HIS D 25 -10.08 -25.38 -27.08
CA HIS D 25 -11.31 -24.76 -26.71
C HIS D 25 -10.92 -23.64 -25.77
N VAL D 26 -9.97 -23.90 -24.87
CA VAL D 26 -9.57 -22.87 -23.93
C VAL D 26 -8.79 -21.74 -24.57
N THR D 27 -7.78 -22.04 -25.38
CA THR D 27 -7.08 -20.90 -25.97
C THR D 27 -7.94 -20.02 -26.90
N ARG D 28 -8.90 -20.58 -27.62
CA ARG D 28 -9.74 -19.73 -28.47
C ARG D 28 -10.56 -18.77 -27.63
N CYS D 29 -11.01 -19.24 -26.48
CA CYS D 29 -11.77 -18.47 -25.54
C CYS D 29 -10.89 -17.36 -24.93
N VAL D 30 -9.64 -17.69 -24.59
CA VAL D 30 -8.78 -16.68 -24.10
C VAL D 30 -8.57 -15.59 -25.13
N ALA D 31 -8.23 -15.97 -26.37
CA ALA D 31 -7.95 -15.01 -27.43
C ALA D 31 -9.18 -14.19 -27.78
N GLN D 32 -10.32 -14.85 -27.88
CA GLN D 32 -11.54 -14.15 -28.21
C GLN D 32 -11.90 -13.05 -27.22
N THR D 33 -11.39 -13.07 -25.99
CA THR D 33 -11.72 -12.03 -25.04
C THR D 33 -10.71 -10.93 -25.03
N GLY D 34 -9.72 -11.04 -25.91
CA GLY D 34 -8.68 -10.01 -25.95
C GLY D 34 -7.41 -10.35 -25.14
N GLY D 35 -7.20 -11.64 -24.90
CA GLY D 35 -6.06 -12.10 -24.17
C GLY D 35 -4.77 -12.02 -24.98
N SER D 36 -3.69 -11.76 -24.27
CA SER D 36 -2.41 -11.62 -24.89
C SER D 36 -1.77 -12.94 -25.30
N PRO D 37 -0.82 -12.90 -26.27
CA PRO D 37 -0.15 -14.15 -26.69
C PRO D 37 0.41 -14.80 -25.44
N ASP D 38 0.91 -13.96 -24.56
CA ASP D 38 1.52 -14.44 -23.34
C ASP D 38 0.56 -15.27 -22.45
N LEU D 39 -0.69 -14.83 -22.34
CA LEU D 39 -1.69 -15.53 -21.54
C LEU D 39 -2.14 -16.80 -22.21
N VAL D 40 -2.21 -16.75 -23.54
CA VAL D 40 -2.62 -17.88 -24.34
C VAL D 40 -1.55 -18.96 -24.14
N ALA D 41 -0.29 -18.59 -24.05
CA ALA D 41 0.73 -19.60 -23.85
C ALA D 41 0.68 -20.12 -22.42
N HIS D 42 0.49 -19.23 -21.45
CA HIS D 42 0.38 -19.65 -20.04
C HIS D 42 -0.78 -20.69 -19.90
N THR D 43 -1.94 -20.41 -20.47
CA THR D 43 -3.00 -21.35 -20.31
C THR D 43 -2.86 -22.61 -21.12
N ALA D 44 -2.11 -22.54 -22.23
CA ALA D 44 -1.97 -23.70 -23.12
C ALA D 44 -0.98 -24.69 -22.54
N ALA D 45 -0.20 -24.19 -21.63
CA ALA D 45 0.77 -24.98 -20.92
C ALA D 45 0.20 -25.73 -19.70
N LEU D 46 -1.06 -25.52 -19.33
CA LEU D 46 -1.63 -26.21 -18.11
C LEU D 46 -2.04 -27.66 -18.44
N ARG D 47 -1.03 -28.48 -18.77
CA ARG D 47 -1.23 -29.86 -19.22
C ARG D 47 -2.15 -30.72 -18.38
N LEU D 48 -1.83 -30.92 -17.11
CA LEU D 48 -2.63 -31.73 -16.26
C LEU D 48 -4.05 -31.16 -16.14
N TYR D 49 -4.18 -29.86 -16.04
CA TYR D 49 -5.52 -29.33 -15.91
C TYR D 49 -6.38 -29.56 -17.16
N LEU D 50 -5.77 -29.56 -18.33
CA LEU D 50 -6.50 -29.80 -19.57
C LEU D 50 -6.72 -31.29 -19.81
N ARG D 51 -5.95 -32.12 -19.13
CA ARG D 51 -6.06 -33.54 -19.34
C ARG D 51 -7.04 -34.21 -18.41
N VAL D 52 -6.97 -33.83 -17.16
CA VAL D 52 -7.80 -34.41 -16.11
C VAL D 52 -9.31 -34.55 -16.47
N PRO D 53 -9.90 -33.60 -17.25
CA PRO D 53 -11.32 -33.71 -17.59
C PRO D 53 -11.58 -34.96 -18.40
N HIS D 54 -10.57 -35.41 -19.09
CA HIS D 54 -10.72 -36.61 -19.89
C HIS D 54 -10.91 -37.79 -18.93
N PHE D 55 -10.10 -37.88 -17.89
CA PHE D 55 -10.33 -38.97 -16.95
C PHE D 55 -11.74 -38.87 -16.29
N LEU D 56 -12.10 -37.68 -15.86
CA LEU D 56 -13.34 -37.45 -15.18
C LEU D 56 -14.52 -37.81 -16.01
N THR D 57 -14.41 -37.69 -17.33
CA THR D 57 -15.54 -38.00 -18.22
C THR D 57 -15.62 -39.41 -18.79
N GLU D 58 -14.76 -40.29 -18.31
CA GLU D 58 -14.67 -41.68 -18.77
C GLU D 58 -15.93 -42.52 -18.64
N TRP D 59 -16.89 -42.14 -17.83
CA TRP D 59 -18.07 -42.96 -17.77
C TRP D 59 -19.05 -42.49 -18.83
N THR D 60 -18.76 -41.38 -19.51
CA THR D 60 -19.73 -40.89 -20.49
C THR D 60 -19.85 -41.76 -21.71
N THR D 61 -21.02 -42.28 -22.00
CA THR D 61 -21.03 -43.17 -23.14
C THR D 61 -20.99 -42.48 -24.50
N ASP D 62 -21.81 -41.45 -24.72
CA ASP D 62 -21.75 -40.79 -26.02
C ASP D 62 -20.56 -39.87 -26.15
N PRO D 63 -19.75 -40.10 -27.19
CA PRO D 63 -18.53 -39.35 -27.51
C PRO D 63 -18.79 -37.87 -27.78
N ASP D 64 -19.93 -37.54 -28.34
CA ASP D 64 -20.18 -36.15 -28.59
C ASP D 64 -20.42 -35.43 -27.26
N ARG D 65 -21.16 -36.08 -26.38
CA ARG D 65 -21.42 -35.47 -25.10
C ARG D 65 -20.15 -35.48 -24.33
N ARG D 66 -19.36 -36.53 -24.45
CA ARG D 66 -18.15 -36.58 -23.66
C ARG D 66 -17.12 -35.47 -24.03
N ALA D 67 -17.05 -35.14 -25.32
CA ALA D 67 -16.12 -34.10 -25.77
C ALA D 67 -16.58 -32.70 -25.29
N ALA D 68 -17.89 -32.46 -25.40
CA ALA D 68 -18.49 -31.22 -24.95
C ALA D 68 -18.24 -31.00 -23.42
N VAL D 69 -18.63 -31.97 -22.59
CA VAL D 69 -18.44 -31.85 -21.14
C VAL D 69 -16.99 -31.67 -20.78
N SER D 70 -16.16 -32.49 -21.42
CA SER D 70 -14.74 -32.45 -21.18
C SER D 70 -14.13 -31.07 -21.40
N ARG D 71 -14.51 -30.39 -22.48
CA ARG D 71 -13.91 -29.06 -22.70
C ARG D 71 -14.49 -27.96 -21.78
N ALA D 72 -15.75 -28.12 -21.39
CA ALA D 72 -16.43 -27.19 -20.46
C ALA D 72 -15.73 -27.29 -19.11
N LEU D 73 -15.51 -28.52 -18.66
CA LEU D 73 -14.81 -28.71 -17.41
C LEU D 73 -13.49 -28.04 -17.57
N ALA D 74 -12.85 -28.19 -18.73
CA ALA D 74 -11.53 -27.54 -18.87
C ALA D 74 -11.60 -26.02 -18.77
N LEU D 75 -12.62 -25.39 -19.38
CA LEU D 75 -12.77 -23.93 -19.26
C LEU D 75 -12.82 -23.51 -17.78
N ASP D 76 -13.54 -24.26 -16.94
CA ASP D 76 -13.61 -23.87 -15.50
C ASP D 76 -12.36 -24.18 -14.67
N ILE D 77 -11.83 -25.39 -14.82
CA ILE D 77 -10.61 -25.75 -14.11
C ILE D 77 -9.54 -24.70 -14.43
N VAL D 78 -9.41 -24.31 -15.73
CA VAL D 78 -8.42 -23.28 -16.05
C VAL D 78 -8.74 -21.87 -15.46
N SER D 79 -10.01 -21.52 -15.45
CA SER D 79 -10.45 -20.28 -14.89
C SER D 79 -10.00 -20.16 -13.46
N MET D 80 -10.27 -21.21 -12.69
CA MET D 80 -9.94 -21.23 -11.27
C MET D 80 -8.43 -21.20 -11.09
N LYS D 81 -7.71 -21.73 -12.06
CA LYS D 81 -6.26 -21.69 -11.92
C LYS D 81 -5.80 -20.26 -12.17
N LEU D 82 -6.46 -19.58 -13.07
CA LEU D 82 -6.09 -18.23 -13.28
C LEU D 82 -6.42 -17.46 -12.03
N LEU D 83 -7.51 -17.86 -11.33
CA LEU D 83 -7.88 -17.07 -10.14
C LEU D 83 -6.80 -17.27 -9.08
N ASP D 84 -6.26 -18.47 -9.05
CA ASP D 84 -5.22 -18.80 -8.12
C ASP D 84 -4.00 -18.02 -8.53
N ASP D 85 -3.76 -17.88 -9.85
CA ASP D 85 -2.58 -17.10 -10.25
C ASP D 85 -2.72 -15.64 -9.84
N LEU D 86 -3.95 -15.17 -9.81
CA LEU D 86 -4.20 -13.79 -9.43
C LEU D 86 -3.94 -13.55 -7.95
N MET D 87 -4.16 -14.53 -7.09
CA MET D 87 -3.86 -14.25 -5.69
C MET D 87 -2.40 -14.30 -5.35
N ASP D 88 -1.62 -15.04 -6.12
CA ASP D 88 -0.20 -15.04 -5.83
C ASP D 88 0.48 -13.87 -6.52
N ASP D 89 -0.10 -13.39 -7.63
CA ASP D 89 0.48 -12.28 -8.38
C ASP D 89 1.99 -12.47 -8.73
N ASP D 90 2.37 -13.65 -9.18
CA ASP D 90 3.77 -13.86 -9.49
C ASP D 90 4.00 -14.49 -10.87
N THR D 91 3.05 -14.36 -11.79
CA THR D 91 3.16 -14.99 -13.10
C THR D 91 3.77 -14.08 -14.14
N GLY D 92 3.86 -12.80 -13.81
CA GLY D 92 4.43 -11.84 -14.70
C GLY D 92 3.34 -11.31 -15.60
N LEU D 93 2.17 -11.95 -15.57
CA LEU D 93 1.05 -11.51 -16.41
C LEU D 93 0.33 -10.30 -15.84
N ASP D 94 -0.23 -9.49 -16.72
CA ASP D 94 -1.01 -8.32 -16.33
C ASP D 94 -2.22 -8.75 -15.51
N ARG D 95 -2.44 -8.16 -14.34
CA ARG D 95 -3.56 -8.59 -13.48
C ARG D 95 -4.93 -8.36 -14.14
N VAL D 96 -5.04 -7.28 -14.92
CA VAL D 96 -6.31 -6.97 -15.58
C VAL D 96 -6.72 -8.08 -16.53
N GLU D 97 -5.79 -8.56 -17.36
CA GLU D 97 -6.21 -9.60 -18.27
C GLU D 97 -6.40 -10.92 -17.54
N LEU D 98 -5.63 -11.18 -16.49
CA LEU D 98 -5.85 -12.40 -15.73
C LEU D 98 -7.30 -12.39 -15.24
N ALA D 99 -7.65 -11.36 -14.49
CA ALA D 99 -8.98 -11.23 -13.97
C ALA D 99 -10.08 -11.35 -15.04
N CYS D 100 -9.99 -10.56 -16.10
CA CYS D 100 -11.08 -10.60 -17.07
C CYS D 100 -11.23 -11.89 -17.78
N VAL D 101 -10.10 -12.50 -18.21
CA VAL D 101 -10.15 -13.76 -18.92
C VAL D 101 -10.64 -14.88 -17.99
N CYS D 102 -10.23 -14.76 -16.74
CA CYS D 102 -10.62 -15.70 -15.70
C CYS D 102 -12.14 -15.70 -15.60
N LEU D 103 -12.76 -14.53 -15.51
CA LEU D 103 -14.21 -14.45 -15.41
C LEU D 103 -14.85 -14.95 -16.72
N ARG D 104 -14.32 -14.49 -17.85
CA ARG D 104 -14.88 -14.89 -19.13
C ARG D 104 -14.95 -16.43 -19.29
N LEU D 105 -13.88 -17.15 -18.96
CA LEU D 105 -13.86 -18.60 -19.07
C LEU D 105 -14.93 -19.24 -18.18
N HIS D 106 -15.00 -18.75 -16.95
CA HIS D 106 -15.90 -19.26 -15.97
C HIS D 106 -17.35 -19.13 -16.45
N LEU D 107 -17.71 -17.94 -16.97
CA LEU D 107 -19.04 -17.70 -17.45
C LEU D 107 -19.39 -18.65 -18.60
N ARG D 108 -18.43 -18.88 -19.51
CA ARG D 108 -18.71 -19.75 -20.62
C ARG D 108 -18.87 -21.20 -20.10
N ALA D 109 -18.05 -21.63 -19.13
CA ALA D 109 -18.15 -23.02 -18.58
C ALA D 109 -19.52 -23.26 -17.92
N LEU D 110 -19.97 -22.26 -17.14
CA LEU D 110 -21.27 -22.30 -16.50
C LEU D 110 -22.32 -22.51 -17.60
N HIS D 111 -22.24 -21.73 -18.65
CA HIS D 111 -23.21 -21.87 -19.71
C HIS D 111 -23.14 -23.25 -20.33
N GLU D 112 -21.93 -23.74 -20.63
CA GLU D 112 -21.80 -25.04 -21.29
C GLU D 112 -22.20 -26.17 -20.38
N LEU D 113 -21.70 -26.19 -19.15
CA LEU D 113 -22.13 -27.25 -18.22
C LEU D 113 -23.70 -27.26 -17.97
N GLU D 114 -24.33 -26.10 -17.79
CA GLU D 114 -25.77 -26.10 -17.55
C GLU D 114 -26.58 -26.62 -18.73
N SER D 115 -26.08 -26.42 -19.95
CA SER D 115 -26.76 -26.87 -21.19
C SER D 115 -26.74 -28.37 -21.32
N LEU D 116 -25.97 -28.99 -20.45
CA LEU D 116 -25.79 -30.41 -20.54
C LEU D 116 -26.24 -31.08 -19.25
N ALA D 117 -26.53 -30.27 -18.22
CA ALA D 117 -26.92 -30.83 -16.92
C ALA D 117 -28.20 -31.72 -16.91
N ARG D 118 -28.22 -32.72 -16.02
CA ARG D 118 -29.39 -33.59 -15.93
C ARG D 118 -30.55 -32.75 -15.37
N ASP D 119 -30.20 -31.83 -14.49
CA ASP D 119 -31.16 -30.98 -13.83
C ASP D 119 -30.71 -29.50 -13.93
N PRO D 120 -31.62 -28.58 -14.25
CA PRO D 120 -31.14 -27.21 -14.35
C PRO D 120 -30.49 -26.56 -13.10
N LYS D 121 -30.60 -27.17 -11.93
CA LYS D 121 -29.92 -26.56 -10.79
C LYS D 121 -28.72 -27.40 -10.36
N ALA D 122 -28.47 -28.52 -11.07
CA ALA D 122 -27.38 -29.39 -10.66
C ALA D 122 -26.03 -28.65 -10.63
N VAL D 123 -25.74 -27.88 -11.68
CA VAL D 123 -24.50 -27.18 -11.71
C VAL D 123 -24.25 -26.29 -10.49
N THR D 124 -25.15 -25.34 -10.26
CA THR D 124 -24.99 -24.41 -9.14
C THR D 124 -25.14 -25.03 -7.76
N ASP D 125 -25.89 -26.15 -7.67
CA ASP D 125 -26.01 -26.85 -6.38
C ASP D 125 -24.61 -27.37 -5.98
N ILE D 126 -24.00 -28.07 -6.92
CA ILE D 126 -22.68 -28.62 -6.76
C ILE D 126 -21.67 -27.54 -6.43
N LEU D 127 -21.70 -26.40 -7.12
CA LEU D 127 -20.71 -25.37 -6.86
C LEU D 127 -20.89 -24.68 -5.55
N GLU D 128 -22.14 -24.65 -5.07
CA GLU D 128 -22.40 -23.94 -3.83
C GLU D 128 -22.20 -24.81 -2.60
N GLN D 129 -22.50 -26.10 -2.77
CA GLN D 129 -22.46 -27.12 -1.71
C GLN D 129 -21.29 -27.01 -0.75
N ASP D 130 -20.11 -26.93 -1.31
CA ASP D 130 -18.95 -26.87 -0.47
C ASP D 130 -18.04 -25.72 -0.83
N ALA D 131 -18.65 -24.62 -1.24
CA ALA D 131 -17.92 -23.42 -1.61
C ALA D 131 -17.16 -22.89 -0.39
N VAL D 132 -17.82 -22.90 0.76
CA VAL D 132 -17.18 -22.39 1.95
C VAL D 132 -16.01 -23.27 2.29
N HIS D 133 -16.18 -24.58 2.17
CA HIS D 133 -15.07 -25.50 2.47
C HIS D 133 -13.93 -25.21 1.48
N LEU D 134 -14.20 -25.22 0.19
CA LEU D 134 -13.18 -24.91 -0.78
C LEU D 134 -12.60 -23.46 -0.61
N CYS D 135 -13.43 -22.41 -0.61
CA CYS D 135 -12.89 -21.05 -0.53
C CYS D 135 -12.22 -20.71 0.79
N GLY D 136 -12.93 -20.92 1.90
CA GLY D 136 -12.40 -20.66 3.24
C GLY D 136 -11.19 -21.53 3.50
N GLY D 137 -11.19 -22.75 2.98
CA GLY D 137 -10.03 -23.62 3.17
C GLY D 137 -8.81 -23.11 2.40
N GLN D 138 -9.04 -22.58 1.22
CA GLN D 138 -7.96 -22.10 0.41
C GLN D 138 -7.29 -20.97 1.14
N ILE D 139 -8.07 -20.12 1.77
CA ILE D 139 -7.44 -19.04 2.50
C ILE D 139 -6.54 -19.65 3.56
N ARG D 140 -7.07 -20.61 4.29
CA ARG D 140 -6.24 -21.23 5.30
C ARG D 140 -4.98 -21.91 4.73
N THR D 141 -5.13 -22.72 3.70
CA THR D 141 -3.94 -23.39 3.21
C THR D 141 -2.89 -22.44 2.63
N LYS D 142 -3.33 -21.30 2.09
CA LYS D 142 -2.38 -20.32 1.57
C LYS D 142 -1.76 -19.50 2.73
N ARG D 143 -2.35 -19.52 3.91
CA ARG D 143 -1.77 -18.68 4.94
C ARG D 143 -1.24 -19.40 6.14
N SER D 144 -1.14 -20.71 6.07
CA SER D 144 -0.62 -21.41 7.21
C SER D 144 0.34 -22.53 6.76
N ARG D 145 1.06 -23.18 7.66
CA ARG D 145 1.99 -24.18 7.13
C ARG D 145 1.83 -25.56 7.72
N ALA D 146 1.86 -26.59 6.87
CA ALA D 146 1.73 -27.93 7.39
C ALA D 146 3.06 -28.46 7.93
N THR D 147 3.06 -28.93 9.16
CA THR D 147 4.26 -29.44 9.81
C THR D 147 4.32 -30.91 10.17
N ASN D 148 3.28 -31.65 9.82
CA ASN D 148 3.19 -33.08 10.06
C ASN D 148 2.39 -33.63 8.84
N LEU D 149 1.99 -34.90 8.85
CA LEU D 149 1.26 -35.47 7.70
C LEU D 149 -0.22 -35.17 7.69
N ARG D 150 -0.85 -35.19 8.86
CA ARG D 150 -2.26 -34.90 8.94
C ARG D 150 -2.50 -33.50 8.40
N GLU D 151 -1.65 -32.54 8.76
CA GLU D 151 -1.85 -31.20 8.30
C GLU D 151 -1.62 -31.15 6.83
N TRP D 152 -0.57 -31.81 6.37
CA TRP D 152 -0.29 -31.78 4.96
C TRP D 152 -1.47 -32.36 4.14
N ARG D 153 -2.08 -33.41 4.66
CA ARG D 153 -3.22 -34.09 4.02
C ARG D 153 -4.42 -33.14 3.96
N ALA D 154 -4.62 -32.39 5.04
CA ALA D 154 -5.74 -31.44 5.14
C ALA D 154 -5.56 -30.32 4.16
N HIS D 155 -4.36 -29.74 4.07
CA HIS D 155 -4.26 -28.71 3.07
C HIS D 155 -4.53 -29.32 1.70
N ALA D 156 -3.80 -30.38 1.37
CA ALA D 156 -3.93 -30.99 0.04
C ALA D 156 -5.38 -31.34 -0.32
N SER D 157 -6.20 -31.60 0.69
CA SER D 157 -7.58 -31.90 0.41
C SER D 157 -8.43 -30.68 0.09
N THR D 158 -7.91 -29.46 0.25
CA THR D 158 -8.72 -28.36 -0.17
C THR D 158 -8.33 -28.07 -1.63
N TYR D 159 -7.06 -27.76 -1.90
CA TYR D 159 -6.67 -27.44 -3.27
C TYR D 159 -6.57 -28.66 -4.14
N GLY D 160 -6.66 -29.80 -3.51
CA GLY D 160 -6.58 -30.97 -4.34
C GLY D 160 -7.92 -31.64 -4.43
N SER D 161 -8.21 -32.42 -3.40
CA SER D 161 -9.42 -33.21 -3.38
C SER D 161 -10.73 -32.51 -3.52
N THR D 162 -10.96 -31.48 -2.73
CA THR D 162 -12.19 -30.80 -2.80
C THR D 162 -12.24 -30.16 -4.17
N PHE D 163 -11.15 -29.52 -4.56
CA PHE D 163 -11.11 -28.89 -5.87
C PHE D 163 -11.51 -29.85 -7.02
N LEU D 164 -10.87 -31.01 -7.09
CA LEU D 164 -11.18 -31.90 -8.18
C LEU D 164 -12.51 -32.65 -8.01
N GLY D 165 -12.83 -32.95 -6.77
CA GLY D 165 -14.08 -33.61 -6.49
C GLY D 165 -15.23 -32.83 -7.09
N ARG D 166 -15.22 -31.49 -7.03
CA ARG D 166 -16.31 -30.73 -7.62
C ARG D 166 -16.48 -31.02 -9.13
N TYR D 167 -15.38 -31.21 -9.85
CA TYR D 167 -15.49 -31.44 -11.26
C TYR D 167 -15.91 -32.86 -11.54
N GLY D 168 -15.59 -33.77 -10.62
CA GLY D 168 -16.07 -35.14 -10.81
C GLY D 168 -17.61 -35.10 -10.71
N ALA D 169 -18.11 -34.38 -9.73
CA ALA D 169 -19.53 -34.25 -9.50
C ALA D 169 -20.19 -33.67 -10.74
N LEU D 170 -19.62 -32.57 -11.24
CA LEU D 170 -20.09 -31.94 -12.45
C LEU D 170 -20.02 -32.91 -13.64
N ALA D 171 -18.94 -33.67 -13.76
CA ALA D 171 -18.85 -34.61 -14.89
C ALA D 171 -20.00 -35.60 -14.77
N ALA D 172 -20.27 -36.07 -13.56
CA ALA D 172 -21.39 -37.00 -13.37
C ALA D 172 -22.71 -36.32 -13.68
N ALA D 173 -22.87 -35.08 -13.28
CA ALA D 173 -24.15 -34.44 -13.54
C ALA D 173 -24.37 -34.08 -14.98
N CYS D 174 -23.30 -33.83 -15.72
CA CYS D 174 -23.48 -33.46 -17.12
C CYS D 174 -23.18 -34.63 -18.03
N GLY D 175 -22.94 -35.78 -17.41
CA GLY D 175 -22.56 -36.94 -18.17
C GLY D 175 -23.54 -37.83 -18.86
N GLY D 176 -24.80 -37.44 -18.86
CA GLY D 176 -25.79 -38.27 -19.50
C GLY D 176 -26.18 -39.43 -18.59
N GLU D 177 -26.52 -40.57 -19.19
CA GLU D 177 -26.93 -41.73 -18.41
C GLU D 177 -25.72 -42.53 -18.01
N GLY D 178 -25.90 -43.43 -17.05
CA GLY D 178 -24.84 -44.30 -16.60
C GLY D 178 -23.79 -43.70 -15.71
N GLN D 179 -24.10 -42.60 -15.03
CA GLN D 179 -23.10 -41.96 -14.17
C GLN D 179 -23.22 -42.33 -12.70
N PRO D 180 -22.27 -43.09 -12.18
CA PRO D 180 -22.41 -43.42 -10.73
C PRO D 180 -21.90 -42.22 -9.94
N ALA D 181 -22.75 -41.20 -9.77
CA ALA D 181 -22.33 -39.94 -9.11
C ALA D 181 -21.39 -39.92 -7.91
N ASP D 182 -21.56 -40.79 -6.93
CA ASP D 182 -20.63 -40.72 -5.83
C ASP D 182 -19.31 -41.34 -6.23
N SER D 183 -19.35 -42.26 -7.16
CA SER D 183 -18.12 -42.86 -7.54
C SER D 183 -17.22 -41.93 -8.36
N VAL D 184 -17.79 -41.15 -9.27
CA VAL D 184 -16.94 -40.31 -10.06
C VAL D 184 -16.24 -39.31 -9.16
N ARG D 185 -16.98 -38.81 -8.18
CA ARG D 185 -16.41 -37.87 -7.23
C ARG D 185 -15.36 -38.55 -6.37
N GLU D 186 -15.60 -39.76 -5.84
CA GLU D 186 -14.58 -40.49 -5.02
C GLU D 186 -13.34 -40.69 -5.86
N PHE D 187 -13.48 -41.08 -7.11
CA PHE D 187 -12.31 -41.26 -7.95
C PHE D 187 -11.55 -39.96 -8.05
N ALA D 188 -12.25 -38.90 -8.47
CA ALA D 188 -11.64 -37.60 -8.58
C ALA D 188 -10.97 -37.21 -7.28
N GLU D 189 -11.66 -37.37 -6.15
CA GLU D 189 -11.02 -36.97 -4.89
C GLU D 189 -9.77 -37.75 -4.52
N ALA D 190 -9.75 -39.04 -4.81
CA ALA D 190 -8.57 -39.86 -4.50
C ALA D 190 -7.44 -39.55 -5.45
N PHE D 191 -7.76 -39.55 -6.75
CA PHE D 191 -6.78 -39.27 -7.79
C PHE D 191 -6.18 -37.84 -7.55
N ALA D 192 -7.00 -36.88 -7.19
CA ALA D 192 -6.43 -35.57 -7.03
C ALA D 192 -5.38 -35.62 -5.95
N MET D 193 -5.63 -36.28 -4.83
CA MET D 193 -4.61 -36.27 -3.81
C MET D 193 -3.29 -36.93 -4.21
N THR D 194 -3.39 -37.99 -5.03
CA THR D 194 -2.22 -38.70 -5.53
C THR D 194 -1.35 -37.75 -6.39
N ILE D 195 -1.99 -36.98 -7.26
CA ILE D 195 -1.31 -36.04 -8.15
C ILE D 195 -0.58 -34.97 -7.32
N THR D 196 -1.20 -34.61 -6.19
CA THR D 196 -0.70 -33.62 -5.29
C THR D 196 0.60 -34.04 -4.62
N MET D 197 0.70 -35.34 -4.34
CA MET D 197 1.86 -35.89 -3.69
C MET D 197 2.96 -35.92 -4.73
N ALA D 198 2.64 -36.24 -5.98
CA ALA D 198 3.62 -36.28 -7.06
C ALA D 198 4.16 -34.88 -7.34
N ASP D 199 3.39 -33.84 -7.01
CA ASP D 199 3.89 -32.51 -7.26
C ASP D 199 4.73 -32.05 -6.10
N ASP D 200 4.37 -32.33 -4.85
CA ASP D 200 5.28 -31.88 -3.81
C ASP D 200 6.61 -32.57 -3.99
N LEU D 201 6.60 -33.85 -4.35
CA LEU D 201 7.85 -34.56 -4.50
C LEU D 201 8.66 -34.09 -5.68
N THR D 202 7.99 -33.70 -6.74
CA THR D 202 8.73 -33.21 -7.89
C THR D 202 9.26 -31.78 -7.59
N ASP D 203 8.38 -30.91 -7.11
CA ASP D 203 8.76 -29.53 -6.84
C ASP D 203 9.89 -29.35 -5.83
N TYR D 204 10.16 -30.35 -5.00
CA TYR D 204 11.22 -30.21 -3.99
C TYR D 204 12.54 -29.94 -4.69
N ASP D 205 12.70 -30.50 -5.88
CA ASP D 205 13.88 -30.32 -6.71
C ASP D 205 13.70 -29.37 -7.89
N ARG D 206 12.49 -29.25 -8.39
CA ARG D 206 12.27 -28.40 -9.55
C ARG D 206 12.18 -26.93 -9.22
N ASN D 207 11.73 -26.60 -8.00
CA ASN D 207 11.59 -25.23 -7.56
C ASN D 207 12.29 -25.09 -6.23
N GLY D 208 12.89 -26.17 -5.77
CA GLY D 208 13.52 -26.11 -4.47
C GLY D 208 12.52 -25.77 -3.38
N GLU D 209 11.28 -26.21 -3.50
CA GLU D 209 10.32 -25.91 -2.45
C GLU D 209 10.68 -26.60 -1.15
N ARG D 210 10.47 -25.93 -0.03
CA ARG D 210 10.74 -26.51 1.26
C ARG D 210 9.55 -26.48 2.17
N ASP D 211 9.39 -25.45 2.98
CA ASP D 211 8.26 -25.41 3.91
C ASP D 211 6.98 -26.07 3.48
N GLY D 212 6.49 -26.95 4.35
CA GLY D 212 5.26 -27.64 4.05
C GLY D 212 5.35 -28.60 2.89
N ASN D 213 6.46 -28.63 2.17
CA ASN D 213 6.56 -29.57 1.08
C ASN D 213 6.73 -31.02 1.63
N LEU D 214 6.04 -31.97 1.02
CA LEU D 214 6.05 -33.36 1.49
C LEU D 214 7.46 -33.93 1.64
N ALA D 215 8.24 -33.86 0.58
CA ALA D 215 9.60 -34.34 0.59
C ALA D 215 10.44 -33.64 1.67
N HIS D 216 10.21 -32.36 1.91
CA HIS D 216 11.01 -31.68 2.94
C HIS D 216 10.65 -32.23 4.29
N LEU D 217 9.36 -32.48 4.50
CA LEU D 217 8.90 -33.02 5.78
C LEU D 217 9.50 -34.43 5.96
N MET D 218 9.59 -35.15 4.87
CA MET D 218 10.16 -36.46 4.98
C MET D 218 11.62 -36.31 5.35
N ARG D 219 12.38 -35.55 4.57
CA ARG D 219 13.80 -35.35 4.84
C ARG D 219 14.07 -34.79 6.22
N THR D 220 13.11 -34.13 6.83
CA THR D 220 13.36 -33.58 8.14
C THR D 220 12.79 -34.41 9.24
N GLY D 221 12.27 -35.57 8.89
CA GLY D 221 11.67 -36.42 9.90
C GLY D 221 10.37 -35.97 10.56
N ALA D 222 9.64 -35.03 9.96
CA ALA D 222 8.37 -34.64 10.56
C ALA D 222 7.33 -35.62 10.00
N VAL D 223 7.69 -36.27 8.90
CA VAL D 223 6.81 -37.22 8.26
C VAL D 223 7.60 -38.48 7.97
N ALA D 224 6.97 -39.63 8.21
CA ALA D 224 7.59 -40.93 8.00
C ALA D 224 7.38 -41.51 6.62
N GLY D 225 8.47 -41.86 5.98
CA GLY D 225 8.40 -42.42 4.65
C GLY D 225 7.33 -43.48 4.46
N GLN D 226 7.10 -44.28 5.52
CA GLN D 226 6.14 -45.38 5.43
C GLN D 226 4.72 -44.88 5.36
N ASP D 227 4.41 -43.84 6.13
CA ASP D 227 3.05 -43.30 6.11
C ASP D 227 2.77 -42.77 4.72
N VAL D 228 3.76 -42.10 4.18
CA VAL D 228 3.59 -41.59 2.85
C VAL D 228 3.30 -42.77 1.93
N VAL D 229 3.98 -43.90 2.13
CA VAL D 229 3.72 -45.05 1.26
C VAL D 229 2.29 -45.60 1.49
N ASP D 230 1.92 -45.71 2.76
CA ASP D 230 0.60 -46.19 3.10
C ASP D 230 -0.46 -45.28 2.44
N LEU D 231 -0.28 -43.95 2.59
CA LEU D 231 -1.22 -42.98 2.03
C LEU D 231 -1.39 -43.20 0.53
N LEU D 232 -0.27 -43.35 -0.19
CA LEU D 232 -0.32 -43.55 -1.62
C LEU D 232 -1.10 -44.83 -1.92
N GLU D 233 -0.79 -45.90 -1.20
CA GLU D 233 -1.51 -47.16 -1.45
C GLU D 233 -2.99 -46.96 -1.11
N GLU D 234 -3.29 -46.25 -0.04
CA GLU D 234 -4.69 -46.04 0.25
C GLU D 234 -5.41 -45.24 -0.89
N LEU D 235 -4.69 -44.32 -1.55
CA LEU D 235 -5.33 -43.54 -2.59
C LEU D 235 -5.56 -44.38 -3.81
N ARG D 236 -4.63 -45.28 -4.10
CA ARG D 236 -4.75 -46.16 -5.26
C ARG D 236 -6.03 -46.98 -5.04
N GLY D 237 -6.16 -47.51 -3.80
CA GLY D 237 -7.32 -48.28 -3.41
C GLY D 237 -8.60 -47.48 -3.50
N ARG D 238 -8.68 -46.29 -2.89
CA ARG D 238 -9.94 -45.57 -3.03
C ARG D 238 -10.25 -45.36 -4.53
N ALA D 239 -9.20 -45.17 -5.33
CA ALA D 239 -9.48 -44.92 -6.76
C ALA D 239 -9.97 -46.12 -7.49
N LEU D 240 -9.29 -47.26 -7.34
CA LEU D 240 -9.66 -48.55 -7.96
C LEU D 240 -11.08 -48.99 -7.53
N ALA D 241 -11.37 -48.81 -6.24
CA ALA D 241 -12.68 -49.19 -5.74
C ALA D 241 -13.72 -48.37 -6.45
N ALA D 242 -13.43 -47.08 -6.60
CA ALA D 242 -14.38 -46.19 -7.20
C ALA D 242 -14.66 -46.51 -8.64
N VAL D 243 -13.66 -46.90 -9.42
CA VAL D 243 -13.92 -47.16 -10.83
C VAL D 243 -14.42 -48.57 -11.11
N ALA D 244 -14.50 -49.35 -10.03
CA ALA D 244 -14.99 -50.71 -10.07
C ALA D 244 -16.53 -50.76 -9.90
N ALA D 245 -17.07 -49.76 -9.19
CA ALA D 245 -18.50 -49.63 -8.91
C ALA D 245 -19.26 -49.65 -10.21
N PRO D 246 -20.46 -50.24 -10.23
CA PRO D 246 -21.21 -50.26 -11.48
C PRO D 246 -21.63 -48.84 -11.81
N PRO D 247 -21.69 -48.51 -13.12
CA PRO D 247 -21.38 -49.41 -14.23
C PRO D 247 -19.89 -49.61 -14.55
N GLY D 248 -19.03 -48.93 -13.82
CA GLY D 248 -17.64 -49.14 -14.08
C GLY D 248 -16.99 -48.29 -15.16
N ALA D 249 -15.75 -47.94 -14.91
CA ALA D 249 -14.99 -47.19 -15.86
C ALA D 249 -13.74 -48.05 -15.86
N PRO D 250 -13.84 -49.27 -16.37
CA PRO D 250 -12.63 -50.11 -16.37
C PRO D 250 -11.41 -49.38 -16.93
N GLY D 251 -11.61 -48.58 -17.99
CA GLY D 251 -10.53 -47.79 -18.57
C GLY D 251 -9.66 -47.02 -17.59
N LEU D 252 -10.22 -46.48 -16.52
CA LEU D 252 -9.36 -45.79 -15.59
C LEU D 252 -8.41 -46.68 -14.73
N VAL D 253 -8.51 -48.00 -14.81
CA VAL D 253 -7.62 -48.80 -13.96
C VAL D 253 -6.10 -48.61 -14.23
N PRO D 254 -5.68 -48.73 -15.50
CA PRO D 254 -4.26 -48.55 -15.82
C PRO D 254 -3.81 -47.13 -15.43
N VAL D 255 -4.68 -46.14 -15.72
CA VAL D 255 -4.42 -44.74 -15.41
C VAL D 255 -4.11 -44.62 -13.91
N VAL D 256 -4.90 -45.30 -13.08
CA VAL D 256 -4.70 -45.20 -11.65
C VAL D 256 -3.40 -45.79 -11.21
N HIS D 257 -3.05 -46.96 -11.75
CA HIS D 257 -1.77 -47.64 -11.41
C HIS D 257 -0.58 -46.80 -11.94
N LEU D 258 -0.73 -46.32 -13.18
CA LEU D 258 0.31 -45.49 -13.78
C LEU D 258 0.65 -44.32 -12.86
N TYR D 259 -0.33 -43.47 -12.55
CA TYR D 259 -0.02 -42.33 -11.70
C TYR D 259 0.43 -42.73 -10.32
N THR D 260 -0.06 -43.83 -9.79
CA THR D 260 0.42 -44.16 -8.45
C THR D 260 1.80 -44.82 -8.48
N ASP D 261 2.06 -45.65 -9.48
CA ASP D 261 3.35 -46.31 -9.51
C ASP D 261 4.46 -45.36 -9.90
N ASP D 262 4.14 -44.43 -10.77
CA ASP D 262 5.13 -43.45 -11.15
C ASP D 262 5.67 -42.77 -9.88
N VAL D 263 4.79 -42.40 -8.95
CA VAL D 263 5.24 -41.79 -7.72
C VAL D 263 6.10 -42.76 -6.92
N LEU D 264 5.59 -43.95 -6.64
CA LEU D 264 6.31 -44.92 -5.84
C LEU D 264 7.65 -45.41 -6.39
N VAL D 265 7.77 -45.63 -7.69
CA VAL D 265 9.05 -46.12 -8.19
C VAL D 265 9.92 -45.13 -8.94
N ARG D 266 9.56 -43.85 -8.92
CA ARG D 266 10.33 -42.78 -9.56
C ARG D 266 10.51 -41.62 -8.59
N LEU D 267 9.45 -40.84 -8.39
CA LEU D 267 9.57 -39.68 -7.50
C LEU D 267 9.92 -40.02 -6.07
N LEU D 268 9.34 -41.08 -5.53
CA LEU D 268 9.51 -41.39 -4.12
C LEU D 268 10.80 -42.01 -3.63
N PRO D 269 11.36 -42.93 -4.42
CA PRO D 269 12.60 -43.57 -4.01
C PRO D 269 13.63 -42.59 -3.41
N ARG D 270 14.16 -41.66 -4.19
CA ARG D 270 15.16 -40.75 -3.65
C ARG D 270 14.87 -39.83 -2.44
N HIS D 271 13.65 -39.80 -1.91
CA HIS D 271 13.41 -38.97 -0.73
C HIS D 271 13.24 -39.92 0.41
N LEU D 272 13.15 -41.20 0.06
CA LEU D 272 12.97 -42.25 1.06
C LEU D 272 14.23 -42.44 1.90
N GLY D 273 15.36 -42.54 1.20
CA GLY D 273 16.64 -42.75 1.88
C GLY D 273 17.29 -41.49 2.42
N GLU D 274 16.47 -40.60 3.00
CA GLU D 274 16.94 -39.32 3.58
C GLU D 274 16.16 -38.86 4.81
N ALA D 275 15.14 -39.62 5.23
CA ALA D 275 14.31 -39.24 6.38
C ALA D 275 15.09 -39.08 7.71
N GLY D 276 14.66 -39.82 8.74
CA GLY D 276 15.32 -39.77 10.03
C GLY D 276 14.38 -39.45 11.18
N ALA D 277 13.37 -40.30 11.39
CA ALA D 277 12.39 -40.08 12.45
C ALA D 277 13.04 -39.76 13.80
N GLY D 278 12.32 -39.04 14.67
CA GLY D 278 12.85 -38.66 15.98
C GLY D 278 12.72 -39.63 17.15
N ALA D 279 11.83 -39.31 18.10
CA ALA D 279 11.61 -40.18 19.27
C ALA D 279 11.48 -41.62 18.82
N MET D 280 10.73 -41.82 17.73
CA MET D 280 10.49 -43.14 17.13
C MET D 280 11.55 -43.49 16.06
N ALA D 281 12.74 -43.87 16.51
CA ALA D 281 13.83 -44.25 15.60
C ALA D 281 14.93 -44.93 16.39
N THR D 282 14.78 -46.22 16.63
CA THR D 282 15.78 -46.95 17.41
C THR D 282 16.16 -48.33 16.84
N VAL D 283 17.30 -48.87 17.29
CA VAL D 283 17.79 -50.21 16.88
C VAL D 283 17.86 -51.08 18.15
N LYS D 284 17.25 -52.27 18.09
CA LYS D 284 17.24 -53.18 19.23
C LYS D 284 18.21 -54.33 18.98
N PHE D 285 18.85 -54.82 20.03
CA PHE D 285 19.80 -55.91 19.89
C PHE D 285 20.25 -56.40 21.28
N LYS D 286 21.04 -57.48 21.30
CA LYS D 286 21.55 -58.03 22.55
C LYS D 286 23.05 -57.81 22.62
N TYR D 287 23.50 -57.04 23.61
CA TYR D 287 24.92 -56.76 23.78
C TYR D 287 25.42 -57.23 25.15
N LYS D 288 26.41 -58.12 25.13
CA LYS D 288 26.98 -58.66 26.34
C LYS D 288 25.91 -59.31 27.21
N GLY D 289 24.97 -60.00 26.57
CA GLY D 289 23.92 -60.68 27.32
C GLY D 289 22.74 -59.81 27.72
N GLU D 290 22.72 -58.58 27.24
CA GLU D 290 21.62 -57.65 27.53
C GLU D 290 20.63 -57.67 26.38
N GLU D 291 19.81 -56.63 26.29
CA GLU D 291 18.83 -56.52 25.24
C GLU D 291 18.61 -55.04 25.12
N LYS D 292 19.56 -54.39 24.47
CA LYS D 292 19.55 -52.95 24.29
C LYS D 292 18.72 -52.42 23.14
N GLU D 293 18.44 -51.13 23.24
CA GLU D 293 17.68 -50.38 22.25
C GLU D 293 18.29 -48.99 22.27
N VAL D 294 18.83 -48.58 21.13
CA VAL D 294 19.47 -47.28 21.04
C VAL D 294 18.81 -46.39 20.00
N ASP D 295 18.61 -45.13 20.37
CA ASP D 295 17.98 -44.16 19.49
C ASP D 295 18.90 -43.89 18.26
N ILE D 296 18.36 -43.94 17.04
CA ILE D 296 19.14 -43.68 15.82
C ILE D 296 19.90 -42.36 15.84
N SER D 297 19.33 -41.38 16.53
CA SER D 297 19.93 -40.06 16.66
C SER D 297 21.13 -40.12 17.65
N LYS D 298 21.57 -41.34 17.94
CA LYS D 298 22.71 -41.55 18.83
C LYS D 298 23.75 -42.49 18.15
N ILE D 299 23.41 -42.98 16.95
CA ILE D 299 24.29 -43.87 16.17
C ILE D 299 25.39 -43.05 15.48
N LYS D 300 26.65 -43.34 15.79
CA LYS D 300 27.80 -42.64 15.18
C LYS D 300 28.24 -43.24 13.83
N LYS D 301 29.09 -44.27 13.86
CA LYS D 301 29.57 -44.90 12.63
C LYS D 301 28.79 -46.20 12.30
N VAL D 302 28.65 -46.57 11.03
CA VAL D 302 27.91 -47.79 10.67
C VAL D 302 28.47 -48.54 9.46
N TRP D 303 28.78 -49.83 9.61
CA TRP D 303 29.34 -50.55 8.48
C TRP D 303 28.90 -52.00 8.34
N ARG D 304 29.26 -52.59 7.20
CA ARG D 304 28.88 -53.96 6.84
C ARG D 304 30.02 -55.03 6.76
N VAL D 305 29.69 -56.22 7.26
CA VAL D 305 30.57 -57.40 7.26
C VAL D 305 29.66 -58.57 6.88
N GLY D 306 29.66 -58.92 5.59
CA GLY D 306 28.80 -59.97 5.11
C GLY D 306 27.39 -59.45 5.26
N LYS D 307 26.49 -60.27 5.82
CA LYS D 307 25.11 -59.82 6.02
C LYS D 307 24.89 -59.24 7.42
N MET D 308 25.99 -59.02 8.14
CA MET D 308 25.94 -58.41 9.48
C MET D 308 26.18 -56.88 9.36
N ILE D 309 25.49 -56.10 10.19
CA ILE D 309 25.62 -54.65 10.20
C ILE D 309 26.17 -54.29 11.57
N SER D 310 27.42 -53.83 11.63
CA SER D 310 28.07 -53.46 12.89
C SER D 310 27.99 -51.91 13.07
N PHE D 311 27.81 -51.42 14.29
CA PHE D 311 27.73 -49.98 14.46
C PHE D 311 28.25 -49.50 15.81
N THR D 312 28.38 -48.18 15.93
CA THR D 312 28.78 -47.54 17.20
C THR D 312 27.74 -46.45 17.53
N TYR D 313 27.62 -46.13 18.82
CA TYR D 313 26.68 -45.11 19.24
C TYR D 313 27.15 -44.40 20.50
N ASP D 314 26.62 -43.19 20.72
CA ASP D 314 26.99 -42.40 21.90
C ASP D 314 26.07 -42.70 23.07
N GLU D 315 26.67 -43.33 24.08
CA GLU D 315 25.96 -43.67 25.31
C GLU D 315 26.74 -43.00 26.45
N GLY D 316 26.04 -42.22 27.26
CA GLY D 316 26.67 -41.55 28.40
C GLY D 316 27.71 -40.50 28.04
N GLY D 317 27.52 -39.83 26.89
CA GLY D 317 28.43 -38.79 26.44
C GLY D 317 29.88 -38.91 26.90
N GLY D 318 30.70 -39.56 26.07
CA GLY D 318 32.09 -39.79 26.41
C GLY D 318 32.34 -41.26 26.16
N LYS D 319 31.35 -42.07 26.55
CA LYS D 319 31.38 -43.52 26.38
C LYS D 319 30.79 -43.90 25.02
N THR D 320 31.56 -44.68 24.26
CA THR D 320 31.13 -45.16 22.95
C THR D 320 30.57 -46.57 23.17
N GLY D 321 29.34 -46.77 22.71
CA GLY D 321 28.66 -48.07 22.82
C GLY D 321 28.77 -48.83 21.50
N ARG D 322 28.63 -50.15 21.52
CA ARG D 322 28.76 -50.93 20.29
C ARG D 322 27.68 -51.97 20.09
N GLY D 323 27.46 -52.34 18.83
CA GLY D 323 26.48 -53.36 18.50
C GLY D 323 26.59 -53.92 17.09
N ALA D 324 25.79 -54.94 16.78
CA ALA D 324 25.79 -55.54 15.42
C ALA D 324 24.57 -56.43 15.27
N VAL D 325 23.89 -56.31 14.13
CA VAL D 325 22.75 -57.16 13.92
C VAL D 325 22.67 -57.66 12.49
N SER D 326 21.84 -58.67 12.28
CA SER D 326 21.68 -59.19 10.92
C SER D 326 21.06 -58.08 10.12
N GLU D 327 21.39 -57.98 8.85
CA GLU D 327 20.78 -56.93 8.06
C GLU D 327 19.28 -57.10 8.15
N LYS D 328 18.83 -58.31 8.40
CA LYS D 328 17.40 -58.57 8.52
C LYS D 328 16.87 -57.75 9.70
N ASP D 329 17.26 -58.13 10.91
CA ASP D 329 16.83 -57.43 12.13
C ASP D 329 17.21 -55.94 12.17
N ALA D 330 17.79 -55.44 11.08
CA ALA D 330 18.24 -54.06 11.01
C ALA D 330 17.17 -53.05 10.55
N PRO D 331 16.88 -52.03 11.39
CA PRO D 331 15.88 -51.03 11.00
C PRO D 331 16.35 -50.31 9.73
N LYS D 332 15.41 -49.97 8.85
CA LYS D 332 15.71 -49.29 7.58
C LYS D 332 16.42 -47.94 7.73
N GLU D 333 16.33 -47.36 8.92
CA GLU D 333 16.99 -46.08 9.24
C GLU D 333 18.48 -46.32 9.46
N LEU D 334 18.81 -47.51 9.95
CA LEU D 334 20.19 -47.91 10.20
C LEU D 334 20.81 -48.30 8.84
N LEU D 335 20.06 -49.07 8.06
CA LEU D 335 20.50 -49.53 6.75
C LEU D 335 20.76 -48.39 5.78
N GLN D 336 20.39 -47.18 6.19
CA GLN D 336 20.59 -46.01 5.37
C GLN D 336 21.98 -45.46 5.58
N MET D 337 22.26 -45.02 6.81
CA MET D 337 23.56 -44.48 7.14
C MET D 337 24.63 -45.45 6.64
N LEU D 338 24.28 -46.74 6.56
CA LEU D 338 25.22 -47.74 6.10
C LEU D 338 25.69 -47.43 4.68
N GLU D 339 24.73 -47.24 3.78
CA GLU D 339 25.08 -46.95 2.41
C GLU D 339 25.10 -45.46 2.06
N LYS D 340 25.16 -44.63 3.10
CA LYS D 340 25.26 -43.18 2.94
C LYS D 340 26.68 -42.87 3.39
N GLN D 341 27.19 -43.74 4.27
CA GLN D 341 28.55 -43.66 4.82
C GLN D 341 29.52 -44.39 3.89
N LYS D 342 30.30 -45.32 4.46
CA LYS D 342 31.29 -46.11 3.70
C LYS D 342 30.83 -46.60 2.31
N LYS D 343 29.53 -46.54 2.05
CA LYS D 343 28.98 -46.96 0.75
C LYS D 343 28.41 -45.77 -0.06
C2 UMQ E . -11.01 6.41 -14.01
C4 UMQ E . -11.69 6.98 -16.35
C5 UMQ E . -11.81 5.47 -16.59
C6 UMQ E . -11.66 5.01 -18.03
O2 UMQ E . -11.27 6.61 -12.62
O4 UMQ E . -12.55 7.75 -17.19
C1 UMQ E . -11.09 4.92 -14.33
C3 UMQ E . -12.04 7.19 -14.86
O1 UMQ E . -12.41 4.50 -14.07
O3 UMQ E . -12.02 8.57 -14.52
O5 UMQ E . -10.85 4.74 -15.76
O6 UMQ E . -10.31 4.81 -18.40
C1' UMQ E . -14.64 1.84 -11.70
C2' UMQ E . -14.12 3.08 -10.99
C3' UMQ E . -13.74 4.13 -12.03
C4' UMQ E . -12.70 3.55 -13.01
C5' UMQ E . -13.25 2.24 -13.60
C6' UMQ E . -12.24 1.54 -14.47
O1' UMQ E . -14.98 0.87 -10.79
O3' UMQ E . -13.23 5.29 -11.37
O5' UMQ E . -13.62 1.32 -12.55
O6' UMQ E . -11.06 1.28 -13.74
O2' UMQ E . -15.12 3.57 -10.10
CA UMQ E . -16.10 0.01 -11.34
CB UMQ E . -16.06 -1.31 -10.62
CC UMQ E . -17.36 -2.09 -10.74
CD UMQ E . -17.11 -3.47 -11.28
CF UMQ E . -16.65 -3.39 -12.69
CG UMQ E . -15.96 -4.70 -13.06
CH UMQ E . -16.69 -5.39 -14.24
CI UMQ E . -15.75 -6.24 -15.04
CJ UMQ E . -15.15 -7.29 -14.18
CK UMQ E . -14.94 -8.48 -15.04
CL UMQ E . -13.76 -9.27 -14.56
C2 UMQ F . 3.00 -25.56 -1.66
C4 UMQ F . 2.24 -26.73 0.49
C5 UMQ F . 0.90 -26.01 0.29
C6 UMQ F . 0.15 -25.76 1.59
O2 UMQ F . 3.46 -25.79 -2.99
O4 UMQ F . 2.05 -27.99 1.13
C1 UMQ F . 1.64 -24.84 -1.74
C3 UMQ F . 2.89 -26.93 -0.91
O1 UMQ F . 0.78 -25.67 -2.48
O3 UMQ F . 4.16 -27.56 -0.78
O5 UMQ F . 1.09 -24.74 -0.38
O6 UMQ F . 0.66 -24.65 2.31
C1' UMQ F . -1.66 -25.49 -5.92
C2' UMQ F . -0.15 -25.58 -6.14
C3' UMQ F . 0.47 -26.17 -4.87
C4' UMQ F . 0.20 -25.19 -3.71
C5' UMQ F . -1.33 -25.02 -3.57
C6' UMQ F . -1.66 -23.91 -2.58
O1' UMQ F . -2.28 -24.99 -7.04
O3' UMQ F . 1.86 -26.37 -5.06
O5' UMQ F . -1.92 -24.60 -4.83
O6' UMQ F . -1.84 -22.66 -3.24
O2' UMQ F . 0.13 -26.36 -7.29
CA UMQ F . -3.55 -25.83 -7.32
CB UMQ F . -4.65 -25.00 -8.00
CC UMQ F . -6.00 -25.74 -7.92
CD UMQ F . -7.19 -24.82 -8.07
CF UMQ F . -7.14 -23.71 -7.07
CG UMQ F . -7.99 -24.08 -5.88
CH UMQ F . -8.84 -22.90 -5.40
CI UMQ F . -9.22 -21.94 -6.54
CJ UMQ F . -10.38 -21.03 -6.14
CK UMQ F . -10.00 -20.15 -4.95
CL UMQ F . -10.63 -20.69 -3.74
#